data_7RYP
#
_entry.id   7RYP
#
loop_
_entity.id
_entity.type
_entity.pdbx_description
1 polymer 'Kinesin-like protein KIF15'
2 polymer 'KIF-binding protein'
#
loop_
_entity_poly.entity_id
_entity_poly.type
_entity_poly.pdbx_seq_one_letter_code
_entity_poly.pdbx_strand_id
1 'polypeptide(L)'
;MAPGCKTELRSVTNGQSNQPSNEGDAIKVFVRIRPPAERSGSADGEQNLCLSVLSSTSLRLHSNPEPKTFTFDHVADVDT
TQESVFATVAKSIVESCMSGYNGTIFAYGQTGSGKTFTMMGPSESDNFSHNLRGVIPRSFEYLFSLIDREKEKAGAGKSF
LCKCSFIEIYNEQIYDLLDSASAGLYLREHIKKGVFVVGAVEQVVTSAAEAYQVLSGGWRNRRVASTSMNRESSRSHAVF
TITIESMEKSNEIVNIRTSLLNLVDLAGSERQKDTHAEGMRLKEAGNINRSLSCLGQVITALVDVGNGKQRHVCYRDSKL
TFLLRDSLGGNAKTAIIANVHPGSRCFGETLSTLNFAQRAKLIKNKAVVNEDTQG
;
A
2 'polypeptide(L)'
;MANVPWAEVCEKFQAALALSRVELHKNPEKEPYKSKYSARALLEEVKALLGPAPEDEDERPEAEDGPGAGDHALGLPAEV
VEPEGPVAQRAVRLAVIEFHLGVNHIDTEELSAGEEHLVKCLRLLRRYRLSHDCISLCIQAQNNLGILWSEREEIETAQA
YLESSEALYNQYMKEVGSPPLDPTERFLPEEEKLTEQERSKRFEKVYTHNLYYLAQVYQHLEMFEKAAHYCHSTLKRQLE
HNAYHPIEWAINAATLSQFYINKLCFMEARHCLSAANVIFGQTGKISATEDTPEAEGEVPELYHQRKGEIARCWIKYCLT
LMQNAQLSMQDNIGELDLDKQSELRALRKKELDEEESIRKKAVQFGTGELCDAISAVEEKVSYLRPLDFEEARELFLLGQ
HYVFEAKEFFQIDGYVTDHIEVVQDHSALFKVLAFFETDMERRCKMHKRRIAMLEPLTVDLNPQYYLLVNRQIQFEIAHA
YYDMMDLKVAIADRLRDPDSHIVKKINNLNKSALKYYQLFLDSLRDPNKVFPEHIGEDVLRPAMLAKFRVARLYGKIITA
DPKKELENLATSLEHYKFIVDYCEKHPEAAQEIEVELELSKEMVSLLPTKMERFRTKMALT
;
B
#
# COMPACT_ATOMS: atom_id res chain seq x y z
N GLY A 24 -16.62 -5.15 -17.44
CA GLY A 24 -16.67 -4.64 -18.80
C GLY A 24 -17.04 -3.17 -18.82
N ASP A 25 -17.68 -2.74 -19.89
CA ASP A 25 -18.09 -1.35 -20.01
C ASP A 25 -16.86 -0.44 -19.87
N ALA A 26 -16.97 0.60 -19.04
CA ALA A 26 -15.86 1.49 -18.73
C ALA A 26 -16.33 2.57 -17.75
N ILE A 27 -15.49 2.89 -16.79
CA ILE A 27 -15.80 3.96 -15.84
C ILE A 27 -15.97 5.25 -16.59
N LYS A 28 -16.89 6.11 -16.15
CA LYS A 28 -17.01 7.36 -16.88
C LYS A 28 -16.06 8.37 -16.29
N VAL A 29 -15.49 9.21 -17.14
CA VAL A 29 -14.55 10.22 -16.66
C VAL A 29 -14.83 11.59 -17.25
N PHE A 30 -15.01 12.57 -16.38
CA PHE A 30 -15.34 13.91 -16.81
C PHE A 30 -14.41 14.94 -16.21
N VAL A 31 -14.40 16.13 -16.81
CA VAL A 31 -13.59 17.21 -16.28
C VAL A 31 -14.42 18.42 -15.98
N ARG A 32 -14.30 18.95 -14.80
CA ARG A 32 -15.03 20.16 -14.52
C ARG A 32 -14.06 21.28 -14.25
N ILE A 33 -14.13 22.32 -15.05
CA ILE A 33 -13.20 23.41 -14.87
C ILE A 33 -13.85 24.61 -14.19
N ARG A 34 -13.59 24.77 -12.91
CA ARG A 34 -14.12 25.89 -12.17
C ARG A 34 -13.31 27.12 -12.53
N PRO A 35 -13.94 28.30 -12.68
CA PRO A 35 -13.27 29.55 -12.86
C PRO A 35 -12.25 29.56 -11.74
N PRO A 36 -10.99 29.77 -12.06
CA PRO A 36 -9.82 29.67 -11.20
C PRO A 36 -9.82 30.74 -10.14
N ALA A 37 -10.68 30.54 -9.14
CA ALA A 37 -10.94 31.53 -8.12
C ALA A 37 -11.46 32.73 -8.85
N GLU A 38 -12.17 32.45 -9.96
CA GLU A 38 -12.69 33.40 -10.91
C GLU A 38 -11.64 34.36 -11.55
N ARG A 39 -10.34 34.24 -11.19
CA ARG A 39 -9.36 35.25 -11.58
C ARG A 39 -8.00 34.87 -12.20
N SER A 40 -7.48 33.64 -11.95
CA SER A 40 -6.08 33.34 -12.36
C SER A 40 -5.88 33.32 -13.85
N GLY A 41 -6.96 33.27 -14.64
CA GLY A 41 -6.86 33.32 -16.09
C GLY A 41 -5.98 34.48 -16.52
N SER A 42 -6.08 35.61 -15.81
CA SER A 42 -5.23 36.75 -16.09
C SER A 42 -4.12 36.87 -15.04
N ALA A 43 -4.40 36.46 -13.79
CA ALA A 43 -3.41 36.56 -12.70
C ALA A 43 -2.47 35.35 -12.65
N ASP A 44 -1.76 35.15 -13.72
CA ASP A 44 -0.82 34.07 -13.94
C ASP A 44 -0.02 34.54 -15.15
N GLY A 45 0.24 33.67 -16.12
CA GLY A 45 0.84 34.16 -17.34
C GLY A 45 -0.27 34.95 -18.04
N GLU A 46 0.03 35.59 -19.17
CA GLU A 46 -0.97 36.41 -19.88
C GLU A 46 -2.34 35.80 -19.87
N GLN A 47 -2.37 34.53 -20.18
CA GLN A 47 -3.57 33.76 -20.16
C GLN A 47 -3.26 32.35 -19.69
N ASN A 48 -3.94 31.91 -18.63
CA ASN A 48 -3.79 30.52 -18.22
C ASN A 48 -3.98 29.69 -19.41
N LEU A 49 -3.26 28.60 -19.49
CA LEU A 49 -3.38 27.75 -20.63
C LEU A 49 -4.83 27.52 -20.88
N CYS A 50 -5.32 28.17 -21.92
CA CYS A 50 -6.71 28.09 -22.21
C CYS A 50 -6.96 26.77 -22.82
N LEU A 51 -7.68 25.93 -22.12
CA LEU A 51 -7.96 24.63 -22.64
C LEU A 51 -9.16 24.79 -23.53
N SER A 52 -8.91 25.39 -24.69
CA SER A 52 -9.91 25.71 -25.66
C SER A 52 -10.70 24.52 -26.05
N VAL A 53 -12.00 24.76 -26.20
CA VAL A 53 -12.92 23.73 -26.59
C VAL A 53 -12.58 23.28 -27.98
N LEU A 54 -11.70 22.30 -28.07
CA LEU A 54 -11.35 21.80 -29.36
C LEU A 54 -12.53 20.95 -29.77
N SER A 55 -13.10 20.33 -28.76
CA SER A 55 -14.35 19.67 -28.86
C SER A 55 -14.92 19.89 -27.51
N SER A 56 -16.15 19.47 -27.29
CA SER A 56 -16.73 19.59 -25.96
C SER A 56 -16.07 18.61 -24.98
N THR A 57 -15.27 17.69 -25.52
CA THR A 57 -14.55 16.68 -24.81
C THR A 57 -13.04 16.89 -24.85
N SER A 58 -12.55 17.69 -25.80
CA SER A 58 -11.11 17.83 -25.99
C SER A 58 -10.52 19.14 -25.50
N LEU A 59 -9.46 19.00 -24.71
CA LEU A 59 -8.71 20.11 -24.13
C LEU A 59 -7.65 20.61 -25.05
N ARG A 60 -7.34 21.89 -24.95
CA ARG A 60 -6.24 22.46 -25.71
C ARG A 60 -5.08 22.71 -24.78
N LEU A 61 -4.20 21.73 -24.71
CA LEU A 61 -3.02 21.78 -23.85
C LEU A 61 -2.02 22.69 -24.61
N HIS A 62 -0.78 22.91 -24.17
CA HIS A 62 -0.05 22.26 -23.11
C HIS A 62 0.98 23.21 -22.60
N SER A 63 1.56 22.90 -21.45
CA SER A 63 2.68 23.68 -20.94
C SER A 63 3.88 23.53 -21.88
N ASN A 64 3.90 22.42 -22.60
CA ASN A 64 4.88 22.14 -23.63
C ASN A 64 4.80 23.25 -24.65
N PRO A 65 5.94 23.81 -25.10
CA PRO A 65 6.06 24.86 -26.10
C PRO A 65 5.17 24.54 -27.29
N GLU A 66 5.05 23.26 -27.62
CA GLU A 66 4.12 22.84 -28.62
C GLU A 66 2.86 22.35 -27.92
N PRO A 67 1.71 23.01 -28.12
CA PRO A 67 0.39 22.71 -27.57
C PRO A 67 -0.04 21.29 -27.90
N LYS A 68 -0.69 20.63 -26.95
CA LYS A 68 -1.16 19.26 -27.08
C LYS A 68 -2.67 19.18 -26.84
N THR A 69 -3.20 17.97 -26.67
CA THR A 69 -4.64 17.83 -26.42
C THR A 69 -4.98 16.61 -25.59
N PHE A 70 -6.22 16.55 -25.11
CA PHE A 70 -6.67 15.39 -24.33
C PHE A 70 -8.19 15.27 -24.37
N THR A 71 -8.69 14.10 -24.73
CA THR A 71 -10.13 13.89 -24.85
C THR A 71 -10.73 13.06 -23.70
N PHE A 72 -11.85 13.57 -23.16
CA PHE A 72 -12.61 12.97 -22.05
C PHE A 72 -14.02 12.59 -22.46
N ASP A 73 -14.82 12.06 -21.53
CA ASP A 73 -16.21 11.80 -21.85
C ASP A 73 -16.90 13.15 -22.07
N HIS A 74 -16.51 14.15 -21.28
CA HIS A 74 -16.95 15.53 -21.48
C HIS A 74 -16.21 16.47 -20.55
N VAL A 75 -15.89 17.66 -21.05
CA VAL A 75 -15.21 18.68 -20.27
C VAL A 75 -16.07 19.90 -20.06
N ALA A 76 -16.32 20.24 -18.81
CA ALA A 76 -17.06 21.43 -18.50
C ALA A 76 -16.13 22.61 -18.39
N ASP A 77 -16.57 23.73 -18.94
CA ASP A 77 -15.84 24.97 -18.94
C ASP A 77 -16.09 25.77 -17.67
N VAL A 78 -15.65 27.03 -17.68
CA VAL A 78 -15.79 27.94 -16.54
C VAL A 78 -17.06 28.78 -16.61
N ASP A 79 -18.12 28.25 -17.25
CA ASP A 79 -19.39 28.94 -17.35
C ASP A 79 -20.56 27.97 -17.50
N THR A 80 -21.04 27.42 -16.39
CA THR A 80 -22.17 26.49 -16.38
C THR A 80 -22.86 26.50 -15.02
N THR A 81 -23.76 25.54 -14.78
CA THR A 81 -24.43 25.53 -13.48
C THR A 81 -24.32 24.21 -12.77
N GLN A 82 -24.81 24.21 -11.54
CA GLN A 82 -24.83 23.01 -10.73
C GLN A 82 -25.75 21.99 -11.38
N GLU A 83 -26.89 22.48 -11.84
CA GLU A 83 -27.89 21.64 -12.48
C GLU A 83 -27.32 20.99 -13.69
N SER A 84 -26.48 21.73 -14.41
CA SER A 84 -25.86 21.23 -15.61
C SER A 84 -25.11 19.95 -15.30
N VAL A 85 -24.36 20.00 -14.21
CA VAL A 85 -23.57 18.87 -13.81
C VAL A 85 -24.43 17.68 -13.44
N PHE A 86 -25.45 17.93 -12.63
CA PHE A 86 -26.33 16.84 -12.24
C PHE A 86 -27.00 16.19 -13.39
N ALA A 87 -27.64 17.00 -14.22
CA ALA A 87 -28.42 16.49 -15.33
C ALA A 87 -27.58 15.67 -16.26
N THR A 88 -26.34 16.07 -16.46
CA THR A 88 -25.49 15.34 -17.37
C THR A 88 -24.72 14.19 -16.76
N VAL A 89 -24.50 14.20 -15.45
CA VAL A 89 -23.73 13.10 -14.87
C VAL A 89 -24.45 12.34 -13.76
N ALA A 90 -24.57 13.00 -12.61
CA ALA A 90 -25.10 12.38 -11.40
C ALA A 90 -26.49 11.83 -11.60
N LYS A 91 -27.26 12.45 -12.46
CA LYS A 91 -28.58 11.99 -12.78
C LYS A 91 -28.58 10.52 -13.19
N SER A 92 -27.63 10.13 -14.05
CA SER A 92 -27.59 8.75 -14.51
C SER A 92 -27.21 7.82 -13.38
N ILE A 93 -26.42 8.34 -12.45
CA ILE A 93 -26.06 7.56 -11.29
C ILE A 93 -27.30 7.28 -10.48
N VAL A 94 -28.08 8.34 -10.26
CA VAL A 94 -29.32 8.23 -9.54
C VAL A 94 -30.24 7.25 -10.21
N GLU A 95 -30.29 7.28 -11.54
CA GLU A 95 -31.13 6.36 -12.28
C GLU A 95 -30.74 4.91 -12.02
N SER A 96 -29.44 4.64 -11.90
CA SER A 96 -29.07 3.28 -11.57
C SER A 96 -29.46 2.96 -10.14
N CYS A 97 -29.40 3.98 -9.27
CA CYS A 97 -29.78 3.81 -7.89
C CYS A 97 -31.26 3.55 -7.76
N MET A 98 -32.05 4.06 -8.71
CA MET A 98 -33.49 3.79 -8.77
C MET A 98 -33.73 2.30 -8.85
N SER A 99 -33.01 1.65 -9.77
CA SER A 99 -33.11 0.21 -9.86
C SER A 99 -32.63 -0.41 -8.56
N GLY A 100 -31.60 0.22 -8.00
CA GLY A 100 -31.05 -0.22 -6.74
C GLY A 100 -29.62 -0.67 -6.92
N TYR A 101 -29.01 -0.24 -8.02
CA TYR A 101 -27.65 -0.64 -8.27
C TYR A 101 -26.74 0.02 -7.27
N ASN A 102 -25.79 -0.75 -6.78
CA ASN A 102 -24.83 -0.23 -5.83
C ASN A 102 -23.87 0.69 -6.52
N GLY A 103 -23.33 1.64 -5.79
CA GLY A 103 -22.40 2.55 -6.41
C GLY A 103 -21.76 3.52 -5.44
N THR A 104 -20.90 4.34 -6.00
CA THR A 104 -20.14 5.29 -5.22
C THR A 104 -19.76 6.48 -6.06
N ILE A 105 -19.53 7.60 -5.40
CA ILE A 105 -19.19 8.82 -6.14
C ILE A 105 -17.91 9.49 -5.68
N PHE A 106 -17.03 9.79 -6.64
CA PHE A 106 -15.84 10.55 -6.30
C PHE A 106 -15.24 11.37 -7.43
N ALA A 107 -15.10 12.65 -7.15
CA ALA A 107 -14.47 13.55 -8.09
C ALA A 107 -12.99 13.64 -7.79
N TYR A 108 -12.18 13.00 -8.61
CA TYR A 108 -10.74 13.01 -8.38
C TYR A 108 -10.13 14.37 -8.62
N GLY A 109 -9.24 14.75 -7.72
CA GLY A 109 -8.52 15.98 -7.87
C GLY A 109 -7.67 16.20 -6.66
N GLN A 110 -6.81 17.20 -6.73
CA GLN A 110 -5.97 17.51 -5.61
C GLN A 110 -6.46 18.73 -4.90
N THR A 111 -6.04 18.84 -3.65
CA THR A 111 -6.40 19.94 -2.81
C THR A 111 -5.95 21.24 -3.45
N GLY A 112 -6.83 22.22 -3.44
CA GLY A 112 -6.59 23.47 -4.14
C GLY A 112 -7.78 23.74 -5.01
N SER A 113 -8.38 22.67 -5.50
CA SER A 113 -9.55 22.77 -6.33
C SER A 113 -10.78 23.34 -5.63
N GLY A 114 -10.87 23.13 -4.31
CA GLY A 114 -11.98 23.66 -3.54
C GLY A 114 -13.26 22.89 -3.76
N LYS A 115 -13.24 21.62 -3.46
CA LYS A 115 -14.37 20.75 -3.72
C LYS A 115 -15.68 21.11 -3.06
N THR A 116 -15.65 21.84 -1.95
CA THR A 116 -16.89 22.12 -1.26
C THR A 116 -17.65 23.22 -1.95
N PHE A 117 -17.00 23.90 -2.92
CA PHE A 117 -17.70 24.89 -3.73
C PHE A 117 -18.83 24.20 -4.46
N THR A 118 -18.63 22.92 -4.76
CA THR A 118 -19.62 22.18 -5.48
C THR A 118 -20.49 21.37 -4.56
N MET A 119 -19.94 20.93 -3.44
CA MET A 119 -20.71 20.03 -2.61
C MET A 119 -21.71 20.72 -1.68
N MET A 120 -21.29 21.79 -1.02
CA MET A 120 -22.24 22.49 -0.16
C MET A 120 -22.65 23.82 -0.72
N GLY A 121 -22.16 24.18 -1.89
CA GLY A 121 -22.54 25.46 -2.45
C GLY A 121 -22.20 26.55 -1.43
N PRO A 122 -23.19 27.37 -1.03
CA PRO A 122 -23.13 28.48 -0.10
C PRO A 122 -23.12 27.98 1.33
N SER A 123 -22.06 27.29 1.71
CA SER A 123 -21.98 26.76 3.04
C SER A 123 -22.12 27.86 4.08
N GLU A 124 -23.02 27.63 5.03
CA GLU A 124 -23.31 28.57 6.11
C GLU A 124 -24.34 27.96 7.05
N SER A 125 -25.32 27.29 6.48
CA SER A 125 -26.38 26.65 7.24
C SER A 125 -26.67 25.27 6.67
N ASP A 126 -27.78 24.68 7.10
CA ASP A 126 -28.16 23.35 6.66
C ASP A 126 -29.33 23.33 5.68
N ASN A 127 -30.27 24.24 5.85
CA ASN A 127 -31.40 24.27 4.94
C ASN A 127 -31.03 24.98 3.67
N PHE A 128 -30.31 24.27 2.82
CA PHE A 128 -29.84 24.85 1.58
C PHE A 128 -30.91 25.01 0.53
N SER A 129 -31.81 25.95 0.75
CA SER A 129 -32.78 26.24 -0.27
C SER A 129 -32.10 27.07 -1.32
N HIS A 130 -32.65 27.05 -2.52
CA HIS A 130 -32.15 27.81 -3.66
C HIS A 130 -31.23 26.94 -4.49
N ASN A 131 -31.08 27.27 -5.75
CA ASN A 131 -30.23 26.55 -6.67
C ASN A 131 -28.78 26.54 -6.26
N LEU A 132 -28.37 27.53 -5.49
CA LEU A 132 -27.01 27.59 -5.01
C LEU A 132 -26.63 26.40 -4.15
N ARG A 133 -27.60 25.80 -3.51
CA ARG A 133 -27.43 24.75 -2.52
C ARG A 133 -26.22 23.80 -2.62
N GLY A 134 -25.80 23.37 -3.79
CA GLY A 134 -24.67 22.43 -3.84
C GLY A 134 -25.12 20.98 -3.90
N VAL A 135 -24.17 20.09 -4.26
CA VAL A 135 -24.47 18.67 -4.50
C VAL A 135 -25.07 17.92 -3.35
N ILE A 136 -24.56 18.14 -2.17
CA ILE A 136 -25.03 17.41 -1.01
C ILE A 136 -26.55 17.53 -0.80
N PRO A 137 -27.11 18.73 -0.58
CA PRO A 137 -28.53 18.95 -0.40
C PRO A 137 -29.30 18.56 -1.63
N ARG A 138 -28.67 18.67 -2.79
CA ARG A 138 -29.30 18.23 -4.00
C ARG A 138 -29.50 16.76 -4.00
N SER A 139 -28.49 16.02 -3.56
CA SER A 139 -28.61 14.58 -3.54
C SER A 139 -29.65 14.17 -2.52
N PHE A 140 -29.80 14.95 -1.45
CA PHE A 140 -30.87 14.63 -0.51
C PHE A 140 -32.20 14.79 -1.21
N GLU A 141 -32.31 15.83 -2.01
CA GLU A 141 -33.54 16.05 -2.73
C GLU A 141 -33.78 15.05 -3.78
N TYR A 142 -32.76 14.69 -4.52
CA TYR A 142 -32.96 13.77 -5.60
C TYR A 142 -33.33 12.43 -5.05
N LEU A 143 -32.62 12.02 -4.02
CA LEU A 143 -32.92 10.77 -3.37
C LEU A 143 -34.25 10.77 -2.69
N PHE A 144 -34.50 11.76 -1.88
CA PHE A 144 -35.74 11.77 -1.16
C PHE A 144 -36.89 11.89 -2.11
N SER A 145 -36.78 12.77 -3.08
CA SER A 145 -37.83 12.87 -4.04
C SER A 145 -37.96 11.59 -4.81
N LEU A 146 -36.85 10.89 -5.03
CA LEU A 146 -36.93 9.59 -5.68
C LEU A 146 -37.81 8.67 -4.90
N ILE A 147 -37.61 8.68 -3.59
CA ILE A 147 -38.43 7.88 -2.71
C ILE A 147 -39.87 8.27 -2.86
N ASP A 148 -40.11 9.57 -2.89
CA ASP A 148 -41.46 10.09 -3.02
C ASP A 148 -42.10 9.64 -4.31
N ARG A 149 -41.32 9.66 -5.38
CA ARG A 149 -41.81 9.29 -6.69
C ARG A 149 -42.29 7.87 -6.64
N GLU A 150 -41.46 7.01 -6.06
CA GLU A 150 -41.76 5.60 -6.02
C GLU A 150 -42.86 5.27 -5.03
N LYS A 151 -42.78 5.82 -3.82
CA LYS A 151 -43.76 5.50 -2.81
C LYS A 151 -45.15 5.93 -3.20
N GLU A 152 -45.25 6.94 -4.06
CA GLU A 152 -46.55 7.36 -4.48
C GLU A 152 -47.00 6.63 -5.72
N LYS A 153 -46.11 6.49 -6.70
CA LYS A 153 -46.49 5.81 -7.92
C LYS A 153 -46.80 4.34 -7.70
N ALA A 154 -46.14 3.72 -6.71
CA ALA A 154 -46.38 2.32 -6.41
C ALA A 154 -47.63 2.09 -5.57
N GLY A 155 -48.27 3.17 -5.10
CA GLY A 155 -49.45 3.01 -4.27
C GLY A 155 -49.10 2.23 -3.01
N ALA A 156 -49.81 1.13 -2.79
CA ALA A 156 -49.62 0.27 -1.62
C ALA A 156 -48.58 -0.82 -1.85
N GLY A 157 -47.92 -0.81 -3.01
CA GLY A 157 -46.96 -1.83 -3.38
C GLY A 157 -45.74 -2.02 -2.47
N LYS A 158 -45.27 -0.98 -1.77
CA LYS A 158 -44.07 -1.21 -0.99
C LYS A 158 -43.75 -0.25 0.14
N SER A 159 -42.97 -0.76 1.09
CA SER A 159 -42.53 0.02 2.23
C SER A 159 -41.11 0.48 2.00
N PHE A 160 -40.64 1.39 2.84
CA PHE A 160 -39.29 1.89 2.74
C PHE A 160 -38.64 2.01 4.10
N LEU A 161 -37.33 1.84 4.14
CA LEU A 161 -36.59 2.06 5.37
C LEU A 161 -35.39 2.89 5.02
N CYS A 162 -35.34 4.06 5.61
CA CYS A 162 -34.27 4.97 5.33
C CYS A 162 -33.30 4.94 6.46
N LYS A 163 -32.23 4.21 6.29
CA LYS A 163 -31.28 4.11 7.38
C LYS A 163 -29.92 4.51 6.90
N CYS A 164 -29.29 5.43 7.59
CA CYS A 164 -27.97 5.84 7.12
C CYS A 164 -26.99 6.01 8.25
N SER A 165 -25.72 6.16 7.89
CA SER A 165 -24.68 6.35 8.88
C SER A 165 -23.44 6.92 8.25
N PHE A 166 -22.91 7.96 8.86
CA PHE A 166 -21.77 8.63 8.31
C PHE A 166 -20.58 8.40 9.23
N ILE A 167 -19.38 8.26 8.67
CA ILE A 167 -18.20 8.01 9.48
C ILE A 167 -17.07 8.95 9.14
N GLU A 168 -16.07 9.02 10.03
CA GLU A 168 -14.93 9.91 9.84
C GLU A 168 -13.59 9.18 10.07
N ILE A 169 -12.70 9.25 9.08
CA ILE A 169 -11.39 8.59 9.13
C ILE A 169 -10.25 9.59 9.20
N TYR A 170 -9.41 9.44 10.23
CA TYR A 170 -8.30 10.36 10.42
C TYR A 170 -7.11 9.64 10.98
N ASN A 171 -5.99 9.67 10.26
CA ASN A 171 -4.78 8.95 10.67
C ASN A 171 -5.09 7.49 10.96
N GLU A 172 -5.87 6.88 10.05
CA GLU A 172 -6.38 5.52 10.18
C GLU A 172 -7.12 5.26 11.50
N GLN A 173 -7.75 6.30 12.06
CA GLN A 173 -8.58 6.14 13.24
C GLN A 173 -10.02 6.24 12.78
N ILE A 174 -10.92 5.53 13.43
CA ILE A 174 -12.31 5.54 13.02
C ILE A 174 -13.19 6.29 13.98
N TYR A 175 -13.92 7.28 13.49
CA TYR A 175 -14.82 8.04 14.34
C TYR A 175 -16.23 7.97 13.79
N ASP A 176 -17.21 8.06 14.67
CA ASP A 176 -18.61 7.97 14.27
C ASP A 176 -19.29 9.32 14.18
N LEU A 177 -19.72 9.72 12.99
CA LEU A 177 -20.39 11.00 12.88
C LEU A 177 -21.81 10.99 13.48
N LEU A 178 -22.36 9.81 13.78
CA LEU A 178 -23.64 9.76 14.46
C LEU A 178 -23.39 9.80 15.95
N ASP A 179 -22.91 8.71 16.51
CA ASP A 179 -22.58 8.75 17.90
C ASP A 179 -21.19 9.29 18.06
N SER A 180 -21.12 10.59 18.14
CA SER A 180 -19.88 11.30 18.27
C SER A 180 -19.10 10.94 19.52
N ALA A 181 -19.77 10.40 20.54
CA ALA A 181 -19.08 9.99 21.74
C ALA A 181 -18.10 8.85 21.47
N SER A 182 -18.37 8.04 20.45
CA SER A 182 -17.52 6.91 20.16
C SER A 182 -16.30 7.28 19.35
N ALA A 183 -15.24 6.49 19.55
CA ALA A 183 -13.98 6.65 18.85
C ALA A 183 -13.28 5.30 18.71
N GLY A 184 -13.42 4.45 19.74
CA GLY A 184 -12.83 3.10 19.71
C GLY A 184 -13.61 2.20 18.76
N LEU A 185 -13.44 2.44 17.48
CA LEU A 185 -14.18 1.71 16.48
C LEU A 185 -13.25 0.86 15.66
N TYR A 186 -13.74 -0.29 15.25
CA TYR A 186 -12.91 -1.27 14.54
C TYR A 186 -13.70 -1.84 13.41
N LEU A 187 -13.09 -2.71 12.63
CA LEU A 187 -13.84 -3.53 11.72
C LEU A 187 -13.04 -4.76 11.38
N ARG A 188 -13.71 -5.85 11.05
CA ARG A 188 -12.92 -7.02 10.70
C ARG A 188 -13.53 -7.79 9.55
N GLU A 189 -14.70 -8.35 9.79
CA GLU A 189 -15.44 -9.15 8.83
C GLU A 189 -16.64 -9.69 9.54
N HIS A 190 -17.83 -9.40 9.06
CA HIS A 190 -19.05 -9.83 9.74
C HIS A 190 -20.21 -9.30 8.94
N ILE A 191 -21.41 -9.76 9.24
CA ILE A 191 -22.62 -9.51 8.49
C ILE A 191 -22.61 -10.35 7.25
N LYS A 192 -23.68 -11.12 7.13
CA LYS A 192 -23.92 -12.13 6.09
C LYS A 192 -23.47 -11.79 4.67
N LYS A 193 -23.25 -10.54 4.32
CA LYS A 193 -22.84 -10.22 2.97
C LYS A 193 -21.86 -9.05 2.91
N GLY A 194 -20.90 -9.01 3.85
CA GLY A 194 -19.92 -7.94 3.82
C GLY A 194 -19.00 -7.91 5.05
N VAL A 195 -18.59 -6.71 5.39
CA VAL A 195 -17.73 -6.54 6.55
C VAL A 195 -18.47 -5.70 7.52
N PHE A 196 -18.02 -5.71 8.74
CA PHE A 196 -18.72 -4.96 9.73
C PHE A 196 -17.81 -4.09 10.53
N VAL A 197 -18.24 -2.86 10.69
CA VAL A 197 -17.53 -1.95 11.52
C VAL A 197 -18.00 -2.10 12.94
N VAL A 198 -17.10 -2.52 13.78
CA VAL A 198 -17.37 -2.75 15.17
C VAL A 198 -17.78 -1.48 15.84
N GLY A 199 -18.96 -1.52 16.45
CA GLY A 199 -19.52 -0.37 17.13
C GLY A 199 -20.36 0.51 16.20
N ALA A 200 -20.65 0.00 14.98
CA ALA A 200 -21.43 0.78 14.02
C ALA A 200 -22.78 1.23 14.57
N VAL A 201 -23.10 2.49 14.31
CA VAL A 201 -24.34 3.12 14.71
C VAL A 201 -25.14 3.45 13.48
N GLU A 202 -26.44 3.21 13.53
CA GLU A 202 -27.27 3.42 12.37
C GLU A 202 -28.46 4.30 12.72
N GLN A 203 -28.92 5.11 11.78
CA GLN A 203 -30.05 5.98 12.08
C GLN A 203 -31.14 5.93 11.06
N VAL A 204 -32.33 5.58 11.51
CA VAL A 204 -33.48 5.53 10.64
C VAL A 204 -34.21 6.85 10.60
N VAL A 205 -34.51 7.31 9.41
CA VAL A 205 -35.20 8.58 9.19
C VAL A 205 -36.39 8.39 8.25
N THR A 206 -37.12 9.49 7.96
CA THR A 206 -38.22 9.45 7.00
C THR A 206 -38.05 10.59 6.00
N SER A 207 -38.53 11.76 6.38
CA SER A 207 -38.41 12.96 5.58
C SER A 207 -37.01 13.41 5.42
N ALA A 208 -36.75 14.09 4.32
CA ALA A 208 -35.44 14.67 4.07
C ALA A 208 -35.08 15.64 5.18
N ALA A 209 -36.09 16.17 5.86
CA ALA A 209 -35.85 17.03 6.99
C ALA A 209 -34.99 16.31 8.02
N GLU A 210 -35.26 15.04 8.24
CA GLU A 210 -34.43 14.35 9.18
C GLU A 210 -33.11 14.02 8.56
N ALA A 211 -33.14 13.67 7.29
CA ALA A 211 -31.93 13.28 6.61
C ALA A 211 -30.88 14.36 6.64
N TYR A 212 -31.27 15.60 6.37
CA TYR A 212 -30.26 16.62 6.43
C TYR A 212 -29.95 16.93 7.88
N GLN A 213 -30.91 16.69 8.78
CA GLN A 213 -30.67 17.00 10.17
C GLN A 213 -29.56 16.13 10.68
N VAL A 214 -29.51 14.91 10.19
CA VAL A 214 -28.43 14.00 10.52
C VAL A 214 -27.12 14.63 10.12
N LEU A 215 -27.07 15.08 8.87
CA LEU A 215 -25.87 15.72 8.39
C LEU A 215 -25.48 16.93 9.22
N SER A 216 -26.47 17.74 9.58
CA SER A 216 -26.25 18.95 10.36
C SER A 216 -25.34 18.69 11.53
N GLY A 217 -25.71 17.70 12.34
CA GLY A 217 -24.92 17.34 13.49
C GLY A 217 -23.56 16.85 13.07
N GLY A 218 -23.54 16.00 12.04
CA GLY A 218 -22.32 15.41 11.54
C GLY A 218 -21.23 16.42 11.24
N TRP A 219 -21.46 17.30 10.27
CA TRP A 219 -20.40 18.23 9.93
C TRP A 219 -20.16 19.23 11.04
N ARG A 220 -21.19 19.54 11.83
CA ARG A 220 -21.01 20.50 12.90
C ARG A 220 -20.03 20.01 13.93
N ASN A 221 -20.11 18.74 14.22
CA ASN A 221 -19.24 18.15 15.21
C ASN A 221 -18.05 17.45 14.58
N ARG A 222 -17.82 17.68 13.29
CA ARG A 222 -16.73 17.06 12.56
C ARG A 222 -15.40 17.74 12.81
N ARG A 223 -14.33 16.94 12.91
CA ARG A 223 -13.00 17.49 13.07
C ARG A 223 -12.44 17.82 11.71
N VAL A 224 -11.91 19.03 11.55
CA VAL A 224 -11.40 19.42 10.25
C VAL A 224 -9.89 19.54 10.22
N ALA A 225 -9.26 18.55 9.59
CA ALA A 225 -7.82 18.53 9.48
C ALA A 225 -7.42 19.21 8.18
N SER A 226 -7.70 20.49 8.09
CA SER A 226 -7.44 21.25 6.89
C SER A 226 -5.97 21.52 6.68
N THR A 227 -5.62 21.96 5.47
CA THR A 227 -4.24 22.23 5.12
C THR A 227 -4.05 23.55 4.37
N SER A 228 -2.83 23.79 3.91
CA SER A 228 -2.48 25.06 3.26
C SER A 228 -2.85 25.09 1.77
N MET A 229 -3.05 23.93 1.17
CA MET A 229 -3.43 23.84 -0.24
C MET A 229 -4.85 24.38 -0.48
N ASN A 230 -5.80 24.02 0.40
CA ASN A 230 -7.18 24.53 0.36
C ASN A 230 -7.95 24.04 1.59
N ARG A 231 -8.57 24.99 2.31
CA ARG A 231 -9.30 24.68 3.55
C ARG A 231 -10.64 23.95 3.32
N GLU A 232 -10.97 23.66 2.07
CA GLU A 232 -12.16 22.90 1.71
C GLU A 232 -11.84 21.40 1.75
N SER A 233 -10.56 21.08 1.93
CA SER A 233 -10.03 19.72 2.08
C SER A 233 -9.67 19.43 3.53
N SER A 234 -9.70 18.16 3.89
CA SER A 234 -9.37 17.72 5.23
C SER A 234 -8.75 16.36 5.23
N ARG A 235 -7.75 16.19 6.09
CA ARG A 235 -7.03 14.93 6.21
C ARG A 235 -7.87 13.97 7.03
N SER A 236 -8.92 14.51 7.65
CA SER A 236 -9.91 13.71 8.30
C SER A 236 -11.01 13.64 7.26
N HIS A 237 -11.20 12.46 6.67
CA HIS A 237 -12.12 12.27 5.56
C HIS A 237 -13.40 11.59 6.02
N ALA A 238 -14.54 11.97 5.47
CA ALA A 238 -15.79 11.35 5.90
C ALA A 238 -16.46 10.54 4.79
N VAL A 239 -17.12 9.46 5.20
CA VAL A 239 -17.82 8.61 4.25
C VAL A 239 -19.28 8.61 4.56
N PHE A 240 -20.07 8.84 3.54
CA PHE A 240 -21.49 8.93 3.74
C PHE A 240 -22.16 7.74 3.14
N THR A 241 -22.60 6.82 3.99
CA THR A 241 -23.23 5.63 3.48
C THR A 241 -24.71 5.64 3.66
N ILE A 242 -25.39 5.40 2.56
CA ILE A 242 -26.82 5.37 2.57
C ILE A 242 -27.32 3.96 2.49
N THR A 243 -28.05 3.51 3.51
CA THR A 243 -28.60 2.18 3.39
C THR A 243 -29.99 2.29 2.83
N ILE A 244 -30.10 1.80 1.63
CA ILE A 244 -31.32 1.85 0.89
C ILE A 244 -32.11 0.62 1.16
N GLU A 245 -33.39 0.79 1.43
CA GLU A 245 -34.23 -0.35 1.67
C GLU A 245 -35.67 -0.09 1.30
N SER A 246 -36.26 -1.03 0.58
CA SER A 246 -37.68 -0.95 0.26
C SER A 246 -38.22 -2.33 0.15
N MET A 247 -39.44 -2.54 0.60
CA MET A 247 -39.96 -3.89 0.58
C MET A 247 -41.24 -4.00 -0.18
N GLU A 248 -41.26 -4.90 -1.16
CA GLU A 248 -42.41 -5.13 -2.02
C GLU A 248 -43.50 -5.77 -1.18
N LYS A 249 -44.30 -4.94 -0.54
CA LYS A 249 -45.27 -5.37 0.46
C LYS A 249 -45.95 -6.68 0.13
N SER A 250 -45.55 -7.72 0.88
CA SER A 250 -46.10 -9.06 0.74
C SER A 250 -45.60 -10.05 1.79
N ASN A 251 -46.50 -10.93 2.21
CA ASN A 251 -46.21 -11.94 3.21
C ASN A 251 -45.46 -13.16 2.68
N GLU A 252 -45.00 -13.08 1.43
CA GLU A 252 -44.18 -14.14 0.86
C GLU A 252 -42.85 -14.26 1.59
N ILE A 253 -42.40 -13.15 2.18
CA ILE A 253 -41.17 -13.07 2.96
C ILE A 253 -39.94 -13.08 2.08
N VAL A 254 -40.02 -12.41 0.95
CA VAL A 254 -38.91 -12.33 0.01
C VAL A 254 -38.89 -11.01 -0.73
N ASN A 255 -39.33 -9.97 -0.07
CA ASN A 255 -39.59 -8.72 -0.78
C ASN A 255 -38.64 -7.54 -0.60
N ILE A 256 -37.64 -7.65 0.24
CA ILE A 256 -36.80 -6.50 0.50
C ILE A 256 -35.70 -6.25 -0.50
N ARG A 257 -35.65 -5.04 -1.02
CA ARG A 257 -34.59 -4.64 -1.90
C ARG A 257 -33.73 -3.62 -1.24
N THR A 258 -32.42 -3.82 -1.26
CA THR A 258 -31.56 -2.83 -0.65
C THR A 258 -30.47 -2.36 -1.59
N SER A 259 -29.67 -1.44 -1.10
CA SER A 259 -28.53 -0.92 -1.86
C SER A 259 -27.66 -0.01 -1.03
N LEU A 260 -26.39 0.04 -1.35
CA LEU A 260 -25.52 0.94 -0.64
C LEU A 260 -24.92 1.99 -1.54
N LEU A 261 -25.15 3.23 -1.16
CA LEU A 261 -24.55 4.34 -1.86
C LEU A 261 -23.48 4.92 -1.00
N ASN A 262 -22.29 4.99 -1.53
CA ASN A 262 -21.20 5.49 -0.76
C ASN A 262 -20.61 6.73 -1.36
N LEU A 263 -20.72 7.83 -0.64
CA LEU A 263 -20.16 9.05 -1.16
C LEU A 263 -18.79 9.24 -0.61
N VAL A 264 -17.83 9.45 -1.50
CA VAL A 264 -16.43 9.54 -1.11
C VAL A 264 -16.05 10.96 -0.83
N ASP A 265 -15.44 11.18 0.32
CA ASP A 265 -14.98 12.49 0.75
C ASP A 265 -14.21 13.20 -0.34
N LEU A 266 -0.49 4.77 -8.85
CA LEU A 266 0.27 5.30 -9.97
C LEU A 266 1.76 5.15 -9.72
N ALA A 267 2.30 4.01 -10.11
CA ALA A 267 3.72 3.72 -9.91
C ALA A 267 4.60 4.68 -10.70
N GLY A 268 5.71 5.07 -10.09
CA GLY A 268 6.68 5.97 -10.71
C GLY A 268 8.01 5.87 -10.00
N SER A 269 9.10 6.06 -10.74
CA SER A 269 10.43 6.01 -10.16
C SER A 269 10.56 7.07 -9.08
N GLU A 270 11.05 6.68 -7.92
CA GLU A 270 11.21 7.62 -6.83
C GLU A 270 12.12 7.07 -5.75
N ARG A 271 12.82 7.95 -5.06
CA ARG A 271 13.68 7.52 -3.97
C ARG A 271 12.83 7.26 -2.73
N GLN A 272 13.23 6.26 -1.97
CA GLN A 272 12.54 5.92 -0.74
C GLN A 272 13.06 6.77 0.39
N LYS A 273 12.22 6.98 1.38
CA LYS A 273 12.61 7.79 2.53
C LYS A 273 13.73 7.14 3.30
N ASP A 274 14.63 7.97 3.79
CA ASP A 274 15.74 7.48 4.59
C ASP A 274 15.26 6.95 5.94
N THR A 275 14.87 5.68 5.98
CA THR A 275 14.42 5.10 7.23
C THR A 275 14.50 3.58 7.21
N HIS A 276 14.75 3.00 8.38
CA HIS A 276 14.78 1.55 8.51
C HIS A 276 13.43 0.94 8.21
N ALA A 277 12.37 1.62 8.65
CA ALA A 277 11.02 1.16 8.39
C ALA A 277 10.77 1.15 6.90
N GLU A 278 11.28 2.17 6.23
CA GLU A 278 11.16 2.25 4.79
C GLU A 278 11.91 1.10 4.16
N GLY A 279 13.07 0.76 4.72
CA GLY A 279 13.84 -0.36 4.23
C GLY A 279 13.04 -1.65 4.35
N MET A 280 12.29 -1.79 5.44
CA MET A 280 11.45 -2.95 5.59
C MET A 280 10.41 -2.98 4.48
N ARG A 281 9.82 -1.83 4.21
CA ARG A 281 8.86 -1.72 3.14
C ARG A 281 9.53 -2.03 1.82
N LEU A 282 10.77 -1.60 1.66
CA LEU A 282 11.54 -1.85 0.47
C LEU A 282 11.77 -3.32 0.30
N LYS A 283 11.98 -4.02 1.41
CA LYS A 283 12.14 -5.45 1.34
C LYS A 283 10.87 -6.06 0.82
N GLU A 284 9.74 -5.56 1.30
CA GLU A 284 8.46 -6.04 0.81
C GLU A 284 8.34 -5.75 -0.67
N ALA A 285 8.80 -4.58 -1.07
CA ALA A 285 8.77 -4.21 -2.46
C ALA A 285 9.64 -5.15 -3.26
N GLY A 286 10.79 -5.52 -2.70
CA GLY A 286 11.67 -6.44 -3.38
C GLY A 286 10.96 -7.76 -3.55
N ASN A 287 10.23 -8.17 -2.54
CA ASN A 287 9.47 -9.39 -2.62
C ASN A 287 8.42 -9.27 -3.71
N ILE A 288 7.79 -8.11 -3.80
CA ILE A 288 6.82 -7.88 -4.82
C ILE A 288 7.46 -7.97 -6.19
N ASN A 289 8.67 -7.42 -6.30
CA ASN A 289 9.39 -7.50 -7.55
C ASN A 289 9.69 -8.93 -7.89
N ARG A 290 10.05 -9.69 -6.87
CA ARG A 290 10.33 -11.10 -7.03
C ARG A 290 9.08 -11.84 -7.48
N SER A 291 7.92 -11.43 -6.97
CA SER A 291 6.69 -12.08 -7.33
C SER A 291 6.45 -12.01 -8.83
N LEU A 292 6.03 -13.13 -9.39
CA LEU A 292 5.75 -13.21 -10.81
C LEU A 292 4.29 -12.88 -11.13
N SER A 293 3.50 -12.58 -10.10
CA SER A 293 2.09 -12.26 -10.29
C SER A 293 1.58 -11.40 -9.13
N CYS A 294 0.55 -10.63 -9.41
CA CYS A 294 -0.02 -9.74 -8.40
C CYS A 294 -1.46 -10.08 -8.08
N LEU A 295 -1.87 -9.75 -6.86
CA LEU A 295 -3.25 -9.98 -6.41
C LEU A 295 -3.58 -9.05 -5.26
N GLY A 296 -4.84 -8.62 -5.17
CA GLY A 296 -5.27 -7.74 -4.12
C GLY A 296 -5.15 -8.41 -2.76
N GLN A 297 -4.65 -7.69 -1.77
CA GLN A 297 -4.48 -8.27 -0.44
C GLN A 297 -4.48 -7.20 0.63
N VAL A 298 -4.62 -7.63 1.89
CA VAL A 298 -4.62 -6.73 3.03
C VAL A 298 -3.30 -5.99 3.17
N SER A 318 -4.92 0.67 3.51
CA SER A 318 -5.70 1.61 4.30
C SER A 318 -7.07 1.10 4.60
N LYS A 319 -7.63 1.54 5.70
CA LYS A 319 -8.98 1.18 6.05
C LYS A 319 -9.92 1.61 4.91
N LEU A 320 -9.59 2.73 4.26
CA LEU A 320 -10.36 3.22 3.14
C LEU A 320 -10.22 2.27 1.97
N THR A 321 -9.04 1.69 1.83
CA THR A 321 -8.77 0.73 0.77
C THR A 321 -9.71 -0.42 0.88
N PHE A 322 -9.95 -0.89 2.09
CA PHE A 322 -10.84 -2.01 2.28
C PHE A 322 -12.27 -1.66 1.95
N LEU A 323 -12.67 -0.44 2.25
CA LEU A 323 -14.02 -0.02 1.90
C LEU A 323 -14.16 -0.03 0.39
N LEU A 324 -13.09 0.36 -0.27
CA LEU A 324 -13.03 0.37 -1.71
C LEU A 324 -12.79 -1.02 -2.26
N ARG A 325 -12.16 -1.89 -1.48
CA ARG A 325 -11.87 -3.26 -1.89
C ARG A 325 -13.10 -3.98 -2.34
N ASP A 326 -14.17 -3.82 -1.59
CA ASP A 326 -15.41 -4.45 -1.96
C ASP A 326 -16.29 -3.55 -2.83
N SER A 327 -15.77 -2.41 -3.28
CA SER A 327 -16.55 -1.49 -4.05
C SER A 327 -16.02 -1.36 -5.48
N LEU A 328 -14.77 -0.95 -5.59
CA LEU A 328 -14.18 -0.69 -6.87
C LEU A 328 -13.80 -1.95 -7.58
N GLY A 329 -14.09 -1.97 -8.88
CA GLY A 329 -13.78 -3.12 -9.71
C GLY A 329 -14.80 -4.23 -9.56
N GLY A 330 -15.85 -4.00 -8.78
CA GLY A 330 -16.86 -5.02 -8.56
C GLY A 330 -18.09 -4.76 -9.40
N ASN A 331 -19.24 -4.88 -8.75
CA ASN A 331 -20.53 -4.69 -9.38
C ASN A 331 -21.14 -3.34 -8.95
N ALA A 332 -20.28 -2.35 -8.77
CA ALA A 332 -20.71 -1.03 -8.40
C ALA A 332 -20.35 -0.05 -9.49
N LYS A 333 -21.20 0.94 -9.68
CA LYS A 333 -20.94 1.95 -10.71
C LYS A 333 -20.50 3.28 -10.14
N THR A 334 -19.58 3.90 -10.87
CA THR A 334 -19.08 5.20 -10.51
C THR A 334 -18.49 5.94 -11.71
N ALA A 335 -17.86 7.07 -11.41
CA ALA A 335 -17.27 7.93 -12.40
C ALA A 335 -16.22 8.81 -11.75
N ILE A 336 -15.29 9.30 -12.54
CA ILE A 336 -14.23 10.17 -12.05
C ILE A 336 -14.37 11.55 -12.60
N ILE A 337 -14.50 12.53 -11.72
CA ILE A 337 -14.59 13.90 -12.21
C ILE A 337 -13.40 14.73 -11.80
N ALA A 338 -12.70 15.28 -12.79
CA ALA A 338 -11.53 16.08 -12.52
C ALA A 338 -11.89 17.41 -11.92
N ASN A 339 -11.33 17.67 -10.75
CA ASN A 339 -11.58 18.92 -10.07
C ASN A 339 -10.61 19.99 -10.53
N VAL A 340 -10.89 20.59 -11.68
CA VAL A 340 -9.97 21.58 -12.22
C VAL A 340 -10.26 23.00 -11.74
N HIS A 341 -9.23 23.67 -11.26
CA HIS A 341 -9.33 25.03 -10.74
C HIS A 341 -8.03 25.72 -11.18
N PRO A 342 -7.98 26.19 -12.43
CA PRO A 342 -6.85 26.65 -13.27
C PRO A 342 -5.84 27.65 -12.70
N GLY A 343 -4.70 27.66 -13.38
CA GLY A 343 -3.51 28.45 -13.10
C GLY A 343 -2.36 27.72 -13.78
N SER A 344 -1.82 28.33 -14.85
CA SER A 344 -0.80 27.65 -15.66
C SER A 344 0.50 27.41 -14.91
N ARG A 345 0.70 28.16 -13.82
CA ARG A 345 1.88 28.01 -13.00
C ARG A 345 2.04 26.60 -12.40
N CYS A 346 0.96 25.81 -12.35
CA CYS A 346 1.05 24.45 -11.82
C CYS A 346 0.51 23.40 -12.79
N PHE A 347 0.71 23.62 -14.08
CA PHE A 347 0.26 22.67 -15.09
C PHE A 347 0.74 21.27 -14.84
N GLY A 348 1.97 21.09 -14.38
CA GLY A 348 2.51 19.77 -14.14
C GLY A 348 1.63 18.97 -13.17
N GLU A 349 0.95 19.64 -12.26
CA GLU A 349 0.06 18.96 -11.35
C GLU A 349 -1.13 18.50 -12.16
N THR A 350 -1.59 19.37 -13.06
CA THR A 350 -2.66 18.99 -13.95
C THR A 350 -2.24 17.81 -14.78
N LEU A 351 -1.02 17.85 -15.26
CA LEU A 351 -0.47 16.79 -16.07
C LEU A 351 -0.50 15.47 -15.33
N SER A 352 -0.16 15.47 -14.05
CA SER A 352 -0.20 14.22 -13.31
C SER A 352 -1.61 13.67 -13.25
N THR A 353 -2.60 14.54 -13.30
CA THR A 353 -3.96 14.04 -13.28
C THR A 353 -4.37 13.64 -14.68
N LEU A 354 -3.73 14.22 -15.69
CA LEU A 354 -4.00 13.81 -17.06
C LEU A 354 -3.46 12.40 -17.24
N ASN A 355 -2.33 12.15 -16.60
CA ASN A 355 -1.72 10.85 -16.64
C ASN A 355 -2.57 9.89 -15.87
N PHE A 356 -3.12 10.36 -14.77
CA PHE A 356 -4.05 9.60 -13.98
C PHE A 356 -5.20 9.21 -14.87
N ALA A 357 -5.71 10.16 -15.64
CA ALA A 357 -6.80 9.93 -16.56
C ALA A 357 -6.43 8.87 -17.59
N GLN A 358 -5.18 8.88 -18.06
CA GLN A 358 -4.75 7.86 -18.99
C GLN A 358 -4.85 6.49 -18.36
N ARG A 359 -4.53 6.41 -17.07
CA ARG A 359 -4.66 5.15 -16.35
C ARG A 359 -6.13 4.80 -16.17
N ALA A 360 -6.94 5.83 -15.89
CA ALA A 360 -8.37 5.67 -15.66
C ALA A 360 -9.09 5.10 -16.87
N LYS A 361 -8.58 5.39 -18.06
CA LYS A 361 -9.17 4.87 -19.29
C LYS A 361 -9.22 3.35 -19.37
N LEU A 362 -8.41 2.67 -18.56
CA LEU A 362 -8.35 1.23 -18.55
C LEU A 362 -9.35 0.57 -17.59
N ILE A 363 -10.11 1.37 -16.84
CA ILE A 363 -11.01 0.80 -15.84
C ILE A 363 -12.34 0.27 -16.36
N LYS A 364 -12.62 -0.99 -16.04
CA LYS A 364 -13.86 -1.70 -16.38
C LYS A 364 -14.52 -2.28 -15.12
N ASN A 365 -15.84 -2.50 -15.16
CA ASN A 365 -16.58 -3.02 -14.01
C ASN A 365 -17.94 -3.62 -14.38
N LYS A 366 -18.72 -4.00 -13.36
CA LYS A 366 -20.05 -4.55 -13.56
C LYS A 366 -21.07 -3.75 -12.75
N ALA A 367 -22.29 -4.28 -12.63
CA ALA A 367 -23.32 -3.61 -11.83
C ALA A 367 -24.31 -4.61 -11.25
N VAL A 368 -24.71 -4.40 -9.98
CA VAL A 368 -25.71 -5.28 -9.37
C VAL A 368 -26.59 -4.51 -8.37
N VAL A 369 -27.86 -4.92 -8.32
CA VAL A 369 -28.82 -4.41 -7.37
C VAL A 369 -28.80 -5.28 -6.12
N ASN A 370 -28.59 -4.68 -4.95
CA ASN A 370 -28.52 -5.49 -3.73
C ASN A 370 -29.88 -5.84 -3.15
N GLU A 371 -30.68 -6.57 -3.90
CA GLU A 371 -31.95 -6.92 -3.36
C GLU A 371 -31.75 -7.91 -2.24
N ASP A 372 -32.32 -7.62 -1.09
CA ASP A 372 -32.17 -8.47 0.07
C ASP A 372 -32.98 -9.75 -0.06
N THR A 373 -34.12 -9.65 -0.75
CA THR A 373 -35.06 -10.73 -1.00
C THR A 373 -35.60 -11.35 0.26
N GLN A 374 -35.78 -10.56 1.31
CA GLN A 374 -36.36 -11.07 2.54
C GLN A 374 -37.64 -10.36 2.87
N GLY A 375 -38.32 -10.79 3.92
CA GLY A 375 -39.50 -10.11 4.46
C GLY A 375 -40.43 -9.48 3.41
N PRO B 5 36.70 36.83 18.79
CA PRO B 5 35.48 36.23 19.29
C PRO B 5 35.17 34.96 18.52
N TRP B 6 36.21 34.20 18.23
CA TRP B 6 36.09 32.96 17.48
C TRP B 6 35.12 32.02 18.13
N ALA B 7 35.25 31.88 19.43
CA ALA B 7 34.39 31.00 20.18
C ALA B 7 32.96 31.51 20.14
N GLU B 8 32.79 32.81 20.26
CA GLU B 8 31.47 33.40 20.22
C GLU B 8 30.81 33.10 18.90
N VAL B 9 31.59 33.14 17.84
CA VAL B 9 31.10 32.80 16.53
C VAL B 9 30.71 31.35 16.49
N CYS B 10 31.56 30.50 17.02
CA CYS B 10 31.25 29.10 17.07
C CYS B 10 30.02 28.84 17.94
N GLU B 11 29.80 29.70 18.94
CA GLU B 11 28.63 29.60 19.75
C GLU B 11 27.42 29.99 18.97
N LYS B 12 27.54 31.03 18.16
CA LYS B 12 26.44 31.42 17.31
C LYS B 12 26.15 30.29 16.37
N PHE B 13 27.19 29.65 15.87
CA PHE B 13 27.02 28.49 15.04
C PHE B 13 26.31 27.41 15.77
N GLN B 14 26.78 27.12 16.96
CA GLN B 14 26.17 26.13 17.79
C GLN B 14 24.71 26.41 17.96
N ALA B 15 24.39 27.66 18.26
CA ALA B 15 23.02 28.04 18.47
C ALA B 15 22.22 27.81 17.20
N ALA B 16 22.77 28.26 16.08
CA ALA B 16 22.10 28.09 14.81
C ALA B 16 21.92 26.63 14.50
N LEU B 17 22.93 25.84 14.84
CA LEU B 17 22.91 24.43 14.64
C LEU B 17 21.76 23.83 15.40
N ALA B 18 21.67 24.20 16.68
CA ALA B 18 20.58 23.73 17.51
C ALA B 18 19.26 24.17 16.93
N LEU B 19 19.22 25.39 16.44
CA LEU B 19 18.02 25.91 15.85
C LEU B 19 17.66 25.19 14.57
N SER B 20 18.66 24.68 13.85
CA SER B 20 18.34 23.92 12.66
C SER B 20 17.70 22.60 13.07
N ARG B 21 17.97 22.14 14.29
CA ARG B 21 17.30 20.96 14.80
C ARG B 21 15.87 21.31 15.11
N VAL B 22 15.67 22.54 15.60
CA VAL B 22 14.35 23.04 15.91
C VAL B 22 13.51 23.24 14.66
N PRO B 32 3.76 29.59 12.66
CA PRO B 32 3.05 28.34 12.41
C PRO B 32 3.70 27.56 11.28
N TYR B 33 5.00 27.73 11.12
CA TYR B 33 5.73 27.06 10.05
C TYR B 33 6.82 26.16 10.57
N LYS B 34 7.34 26.49 11.76
CA LYS B 34 8.40 25.73 12.46
C LYS B 34 9.75 25.54 11.72
N SER B 35 9.87 26.05 10.49
CA SER B 35 11.08 25.91 9.71
C SER B 35 11.02 26.93 8.63
N LYS B 36 12.16 27.21 8.00
CA LYS B 36 12.35 28.19 6.92
C LYS B 36 12.14 29.61 7.42
N TYR B 37 10.97 29.86 7.95
CA TYR B 37 10.67 31.10 8.59
C TYR B 37 11.61 31.14 9.78
N SER B 38 12.65 31.96 9.64
CA SER B 38 13.77 32.16 10.57
C SER B 38 14.93 31.22 10.27
N ALA B 39 14.66 30.02 9.76
CA ALA B 39 15.76 29.13 9.43
C ALA B 39 16.55 29.69 8.27
N ARG B 40 15.84 30.32 7.34
CA ARG B 40 16.47 30.94 6.20
C ARG B 40 17.28 32.11 6.69
N ALA B 41 16.77 32.79 7.73
CA ALA B 41 17.51 33.88 8.33
C ALA B 41 18.79 33.33 8.94
N LEU B 42 18.71 32.15 9.55
CA LEU B 42 19.88 31.53 10.12
C LEU B 42 20.87 31.17 9.05
N LEU B 43 20.37 30.74 7.90
CA LEU B 43 21.22 30.45 6.76
C LEU B 43 22.07 31.68 6.50
N GLU B 44 21.38 32.81 6.40
CA GLU B 44 22.00 34.07 6.12
C GLU B 44 22.85 34.54 7.28
N GLU B 45 22.47 34.17 8.50
CA GLU B 45 23.21 34.54 9.69
C GLU B 45 24.55 33.89 9.63
N VAL B 46 24.56 32.64 9.16
CA VAL B 46 25.78 31.92 8.96
C VAL B 46 26.60 32.56 7.88
N LYS B 47 25.94 32.93 6.79
CA LYS B 47 26.64 33.63 5.75
C LYS B 47 27.24 34.91 6.29
N ALA B 48 26.51 35.57 7.16
CA ALA B 48 27.01 36.78 7.78
C ALA B 48 28.25 36.44 8.56
N LEU B 49 28.28 35.27 9.20
CA LEU B 49 29.45 34.80 9.93
C LEU B 49 30.58 34.35 9.02
N LEU B 50 30.27 34.03 7.78
CA LEU B 50 31.32 33.73 6.83
C LEU B 50 32.19 34.98 6.69
N GLY B 51 31.56 36.15 6.83
CA GLY B 51 32.25 37.45 6.82
C GLY B 51 33.43 37.51 7.81
N PRO B 52 33.17 37.45 9.12
CA PRO B 52 34.07 37.35 10.25
C PRO B 52 35.06 36.22 10.18
N ALA B 53 34.69 35.10 9.53
CA ALA B 53 35.59 33.94 9.46
C ALA B 53 37.04 34.35 9.09
N PRO B 54 37.26 35.21 8.08
CA PRO B 54 38.20 36.32 8.01
C PRO B 54 37.57 37.64 8.42
N PRO B 86 46.32 25.45 7.60
CA PRO B 86 46.20 26.84 8.03
C PRO B 86 44.98 27.41 7.32
N VAL B 87 45.19 28.35 6.40
CA VAL B 87 44.10 28.88 5.61
C VAL B 87 43.45 27.78 4.79
N ALA B 88 44.23 26.75 4.44
CA ALA B 88 43.71 25.62 3.73
C ALA B 88 42.66 24.93 4.56
N GLN B 89 42.89 24.89 5.86
CA GLN B 89 41.99 24.21 6.74
C GLN B 89 40.81 25.10 7.02
N ARG B 90 41.05 26.42 7.00
CA ARG B 90 39.97 27.36 7.11
C ARG B 90 38.98 27.07 6.01
N ALA B 91 39.50 26.91 4.80
CA ALA B 91 38.70 26.62 3.64
C ALA B 91 37.91 25.35 3.83
N VAL B 92 38.53 24.35 4.46
CA VAL B 92 37.80 23.14 4.75
C VAL B 92 36.62 23.43 5.64
N ARG B 93 36.85 24.21 6.69
CA ARG B 93 35.79 24.56 7.61
C ARG B 93 34.68 25.29 6.88
N LEU B 94 35.08 26.18 6.00
CA LEU B 94 34.14 26.96 5.24
C LEU B 94 33.33 26.07 4.31
N ALA B 95 33.99 25.08 3.71
CA ALA B 95 33.31 24.17 2.82
C ALA B 95 32.22 23.42 3.55
N VAL B 96 32.52 23.03 4.77
CA VAL B 96 31.54 22.35 5.59
C VAL B 96 30.37 23.25 5.87
N ILE B 97 30.67 24.50 6.18
CA ILE B 97 29.63 25.45 6.42
C ILE B 97 28.75 25.56 5.21
N GLU B 98 29.38 25.63 4.05
CA GLU B 98 28.65 25.74 2.81
C GLU B 98 27.82 24.51 2.57
N PHE B 99 28.30 23.34 3.00
CA PHE B 99 27.50 22.15 2.91
C PHE B 99 26.21 22.35 3.65
N HIS B 100 26.30 22.82 4.87
CA HIS B 100 25.12 23.02 5.66
C HIS B 100 24.26 24.12 5.08
N LEU B 101 24.86 25.12 4.48
CA LEU B 101 24.08 26.17 3.84
C LEU B 101 23.31 25.57 2.67
N GLY B 102 23.93 24.63 1.96
CA GLY B 102 23.28 23.91 0.87
C GLY B 102 22.12 23.09 1.40
N VAL B 103 22.32 22.50 2.57
CA VAL B 103 21.26 21.77 3.24
C VAL B 103 20.15 22.72 3.63
N ASN B 104 20.52 23.92 4.06
CA ASN B 104 19.53 24.90 4.40
C ASN B 104 18.73 25.27 3.13
N HIS B 105 19.40 25.22 1.97
CA HIS B 105 18.71 25.47 0.72
C HIS B 105 18.04 24.24 0.15
N ILE B 106 17.04 23.76 0.85
CA ILE B 106 16.26 22.65 0.34
C ILE B 106 14.85 23.09 0.01
N ASP B 107 14.03 23.35 1.03
CA ASP B 107 12.66 23.77 0.79
C ASP B 107 11.95 22.82 -0.14
N THR B 108 11.77 21.57 0.30
CA THR B 108 11.19 20.54 -0.53
C THR B 108 11.96 20.35 -1.83
N GLU B 109 13.28 20.55 -1.74
CA GLU B 109 14.22 20.43 -2.85
C GLU B 109 13.95 21.43 -3.98
N GLU B 110 13.18 22.47 -3.69
CA GLU B 110 12.84 23.45 -4.69
C GLU B 110 13.98 24.40 -4.95
N LEU B 111 14.87 24.54 -3.98
CA LEU B 111 15.98 25.46 -4.11
C LEU B 111 17.16 24.87 -4.86
N SER B 112 17.03 24.85 -6.19
CA SER B 112 18.06 24.35 -7.08
C SER B 112 19.34 25.18 -6.98
N ALA B 113 19.24 26.41 -6.48
CA ALA B 113 20.42 27.21 -6.24
C ALA B 113 21.31 26.49 -5.24
N GLY B 114 20.70 25.85 -4.24
CA GLY B 114 21.43 25.10 -3.24
C GLY B 114 22.18 23.98 -3.92
N GLU B 115 21.50 23.32 -4.85
CA GLU B 115 22.12 22.26 -5.64
C GLU B 115 23.38 22.77 -6.28
N GLU B 116 23.29 23.93 -6.89
CA GLU B 116 24.42 24.55 -7.55
C GLU B 116 25.54 24.80 -6.56
N HIS B 117 25.17 25.25 -5.38
CA HIS B 117 26.14 25.54 -4.35
C HIS B 117 26.83 24.27 -3.93
N LEU B 118 26.08 23.19 -3.84
CA LEU B 118 26.62 21.91 -3.47
C LEU B 118 27.57 21.41 -4.53
N VAL B 119 27.26 21.69 -5.78
CA VAL B 119 28.16 21.33 -6.86
C VAL B 119 29.46 22.09 -6.71
N LYS B 120 29.36 23.37 -6.41
CA LYS B 120 30.53 24.20 -6.21
C LYS B 120 31.35 23.65 -5.06
N CYS B 121 30.66 23.22 -4.02
CA CYS B 121 31.30 22.65 -2.86
C CYS B 121 32.01 21.38 -3.25
N LEU B 122 31.35 20.54 -4.05
CA LEU B 122 31.93 19.30 -4.48
C LEU B 122 33.25 19.54 -5.15
N ARG B 123 33.28 20.50 -6.05
CA ARG B 123 34.53 20.86 -6.70
C ARG B 123 35.60 21.13 -5.67
N LEU B 124 35.27 21.96 -4.68
CA LEU B 124 36.18 22.34 -3.64
C LEU B 124 36.60 21.13 -2.81
N LEU B 125 35.68 20.20 -2.62
CA LEU B 125 35.97 18.99 -1.87
C LEU B 125 36.92 18.07 -2.63
N ARG B 126 36.72 17.99 -3.94
CA ARG B 126 37.53 17.12 -4.79
C ARG B 126 38.96 17.58 -4.85
N ARG B 127 39.20 18.85 -4.53
CA ARG B 127 40.55 19.40 -4.49
C ARG B 127 41.49 18.58 -3.58
N TYR B 128 40.95 17.88 -2.59
CA TYR B 128 41.81 17.06 -1.75
C TYR B 128 41.03 15.93 -1.10
N ILE B 135 35.45 14.46 7.36
CA ILE B 135 36.10 14.04 6.13
C ILE B 135 35.13 13.30 5.22
N SER B 136 34.51 12.23 5.75
CA SER B 136 33.57 11.42 4.98
C SER B 136 32.31 12.16 4.61
N LEU B 137 32.07 13.29 5.25
CA LEU B 137 30.94 14.12 4.90
C LEU B 137 30.86 14.35 3.42
N CYS B 138 32.01 14.47 2.78
CA CYS B 138 32.06 14.68 1.36
C CYS B 138 31.35 13.59 0.56
N ILE B 139 31.30 12.36 1.06
CA ILE B 139 30.62 11.34 0.29
C ILE B 139 29.19 11.31 0.71
N GLN B 140 28.92 11.81 1.90
CA GLN B 140 27.56 11.90 2.36
C GLN B 140 26.88 12.95 1.50
N ALA B 141 27.60 14.03 1.25
CA ALA B 141 27.18 15.11 0.41
C ALA B 141 27.02 14.63 -1.00
N GLN B 142 27.97 13.82 -1.45
CA GLN B 142 27.91 13.23 -2.76
C GLN B 142 26.65 12.41 -2.91
N ASN B 143 26.30 11.68 -1.88
CA ASN B 143 25.11 10.88 -1.89
C ASN B 143 23.88 11.79 -1.95
N ASN B 144 23.96 12.93 -1.25
CA ASN B 144 22.90 13.91 -1.29
C ASN B 144 22.76 14.48 -2.68
N LEU B 145 23.87 14.59 -3.39
CA LEU B 145 23.79 15.00 -4.77
C LEU B 145 23.16 13.89 -5.61
N GLY B 146 23.48 12.65 -5.28
CA GLY B 146 22.94 11.49 -5.97
C GLY B 146 21.43 11.47 -5.97
N ILE B 147 20.81 11.79 -4.85
CA ILE B 147 19.35 11.80 -4.80
C ILE B 147 18.75 12.95 -5.59
N LEU B 148 19.55 13.93 -5.95
CA LEU B 148 19.04 15.01 -6.75
C LEU B 148 19.07 14.54 -8.19
N TRP B 149 20.07 13.73 -8.52
CA TRP B 149 20.10 13.13 -9.84
C TRP B 149 18.93 12.16 -9.97
N SER B 150 18.55 11.52 -8.87
CA SER B 150 17.38 10.67 -8.87
C SER B 150 16.16 11.50 -9.26
N GLU B 151 16.05 12.69 -8.69
CA GLU B 151 14.95 13.58 -9.05
C GLU B 151 15.04 13.98 -10.52
N ARG B 152 16.27 14.10 -11.03
CA ARG B 152 16.52 14.42 -12.41
C ARG B 152 16.58 13.18 -13.32
N GLU B 153 16.26 12.00 -12.78
CA GLU B 153 16.29 10.73 -13.49
C GLU B 153 17.67 10.30 -14.01
N GLU B 154 18.71 10.92 -13.50
CA GLU B 154 20.07 10.63 -13.91
C GLU B 154 20.71 9.58 -13.04
N ILE B 155 20.20 8.39 -13.19
CA ILE B 155 20.60 7.25 -12.41
C ILE B 155 22.06 6.90 -12.55
N GLU B 156 22.57 6.96 -13.76
CA GLU B 156 23.93 6.55 -14.03
C GLU B 156 24.95 7.35 -13.23
N THR B 157 24.75 8.65 -13.15
CA THR B 157 25.67 9.47 -12.39
C THR B 157 25.54 9.18 -10.92
N ALA B 158 24.30 9.08 -10.46
CA ALA B 158 24.06 8.77 -9.06
C ALA B 158 24.68 7.43 -8.71
N GLN B 159 24.58 6.48 -9.63
CA GLN B 159 25.17 5.18 -9.46
C GLN B 159 26.65 5.31 -9.23
N ALA B 160 27.29 6.04 -10.11
CA ALA B 160 28.72 6.25 -10.03
C ALA B 160 29.09 6.87 -8.71
N TYR B 161 28.27 7.80 -8.24
CA TYR B 161 28.54 8.45 -6.99
C TYR B 161 28.58 7.48 -5.85
N LEU B 162 27.59 6.61 -5.81
CA LEU B 162 27.50 5.65 -4.75
C LEU B 162 28.63 4.65 -4.82
N GLU B 163 28.97 4.24 -6.03
CA GLU B 163 30.05 3.30 -6.20
C GLU B 163 31.36 3.87 -5.70
N SER B 164 31.61 5.14 -6.00
CA SER B 164 32.83 5.75 -5.55
C SER B 164 32.83 5.97 -4.07
N SER B 165 31.65 6.24 -3.50
CA SER B 165 31.57 6.44 -2.06
C SER B 165 32.13 5.22 -1.36
N GLU B 166 31.74 4.04 -1.83
CA GLU B 166 32.21 2.80 -1.26
C GLU B 166 33.65 2.55 -1.55
N ALA B 167 34.04 2.82 -2.79
CA ALA B 167 35.39 2.60 -3.20
C ALA B 167 36.35 3.37 -2.34
N LEU B 168 35.98 4.60 -2.04
CA LEU B 168 36.83 5.45 -1.23
C LEU B 168 37.01 4.91 0.16
N TYR B 169 35.95 4.38 0.75
CA TYR B 169 36.12 3.79 2.05
C TYR B 169 37.09 2.64 1.98
N ASN B 170 36.88 1.78 1.01
CA ASN B 170 37.72 0.64 0.83
C ASN B 170 39.13 1.05 0.51
N GLN B 171 39.28 2.17 -0.19
CA GLN B 171 40.60 2.69 -0.50
C GLN B 171 41.31 3.03 0.78
N TYR B 172 40.57 3.60 1.74
CA TYR B 172 41.14 3.81 3.05
C TYR B 172 41.57 2.51 3.66
N MET B 173 40.67 1.56 3.69
CA MET B 173 41.02 0.30 4.27
C MET B 173 39.92 -0.70 3.98
N SER B 200 32.32 7.84 16.67
CA SER B 200 32.30 6.40 16.89
C SER B 200 30.93 5.82 16.65
N LYS B 201 30.08 6.55 15.92
CA LYS B 201 28.71 6.13 15.70
C LYS B 201 28.21 6.39 14.27
N ARG B 202 28.62 7.52 13.70
CA ARG B 202 28.15 7.96 12.38
C ARG B 202 28.40 6.97 11.26
N PHE B 203 29.65 6.50 11.16
CA PHE B 203 30.05 5.63 10.08
C PHE B 203 29.22 4.39 10.03
N GLU B 204 29.09 3.77 11.19
CA GLU B 204 28.33 2.58 11.33
C GLU B 204 26.97 2.72 10.70
N LYS B 205 26.37 3.88 10.92
CA LYS B 205 25.06 4.16 10.41
C LYS B 205 25.05 4.38 8.91
N VAL B 206 25.84 5.35 8.46
CA VAL B 206 25.76 5.76 7.08
C VAL B 206 26.27 4.75 6.11
N TYR B 207 27.16 3.88 6.56
CA TYR B 207 27.68 2.87 5.71
C TYR B 207 26.54 2.04 5.16
N THR B 208 25.65 1.65 6.06
CA THR B 208 24.55 0.83 5.68
C THR B 208 23.49 1.62 4.95
N HIS B 209 23.40 2.90 5.26
CA HIS B 209 22.43 3.74 4.59
C HIS B 209 22.74 3.77 3.12
N ASN B 210 24.01 3.81 2.80
CA ASN B 210 24.44 3.83 1.44
C ASN B 210 24.02 2.60 0.72
N LEU B 211 24.14 1.47 1.38
CA LEU B 211 23.76 0.21 0.79
C LEU B 211 22.28 0.21 0.47
N TYR B 212 21.50 0.80 1.36
CA TYR B 212 20.08 0.95 1.16
C TYR B 212 19.80 1.77 -0.08
N TYR B 213 20.50 2.89 -0.22
CA TYR B 213 20.31 3.74 -1.35
C TYR B 213 20.63 2.99 -2.63
N LEU B 214 21.68 2.20 -2.60
CA LEU B 214 22.05 1.39 -3.74
C LEU B 214 21.01 0.39 -4.09
N ALA B 215 20.41 -0.24 -3.10
CA ALA B 215 19.39 -1.23 -3.36
C ALA B 215 18.24 -0.61 -4.15
N GLN B 216 17.90 0.63 -3.82
CA GLN B 216 16.83 1.31 -4.50
C GLN B 216 17.19 1.48 -5.96
N VAL B 217 18.43 1.89 -6.17
CA VAL B 217 18.95 2.08 -7.51
C VAL B 217 18.91 0.80 -8.26
N TYR B 218 19.33 -0.26 -7.59
CA TYR B 218 19.36 -1.56 -8.15
C TYR B 218 18.00 -2.02 -8.53
N GLN B 219 16.99 -1.64 -7.78
CA GLN B 219 15.65 -1.99 -8.16
C GLN B 219 15.33 -1.44 -9.53
N HIS B 220 15.75 -0.21 -9.78
CA HIS B 220 15.50 0.40 -11.06
C HIS B 220 16.38 -0.22 -12.12
N LEU B 221 17.58 -0.58 -11.73
CA LEU B 221 18.52 -1.20 -12.65
C LEU B 221 18.34 -2.69 -12.76
N GLU B 222 17.49 -3.24 -11.92
CA GLU B 222 17.21 -4.66 -11.87
C GLU B 222 18.43 -5.50 -11.49
N MET B 223 19.29 -4.95 -10.63
CA MET B 223 20.49 -5.68 -10.15
C MET B 223 20.11 -6.52 -8.95
N PHE B 224 19.27 -7.49 -9.20
CA PHE B 224 18.61 -8.30 -8.21
C PHE B 224 19.52 -8.85 -7.13
N GLU B 225 20.51 -9.57 -7.58
CA GLU B 225 21.44 -10.22 -6.70
C GLU B 225 22.28 -9.28 -5.90
N LYS B 226 22.49 -8.07 -6.39
CA LYS B 226 23.35 -7.18 -5.68
C LYS B 226 22.60 -6.60 -4.53
N ALA B 227 21.33 -6.30 -4.79
CA ALA B 227 20.50 -5.79 -3.74
C ALA B 227 20.40 -6.82 -2.65
N ALA B 228 20.26 -8.07 -3.05
CA ALA B 228 20.18 -9.15 -2.10
C ALA B 228 21.45 -9.22 -1.26
N HIS B 229 22.59 -9.02 -1.90
CA HIS B 229 23.85 -9.07 -1.18
C HIS B 229 23.87 -8.02 -0.11
N TYR B 230 23.39 -6.84 -0.46
CA TYR B 230 23.40 -5.74 0.45
C TYR B 230 22.49 -6.00 1.60
N CYS B 231 21.37 -6.62 1.33
CA CYS B 231 20.43 -6.91 2.38
C CYS B 231 21.10 -7.67 3.47
N HIS B 232 21.84 -8.68 3.09
CA HIS B 232 22.53 -9.49 4.07
C HIS B 232 23.54 -8.69 4.84
N SER B 233 24.25 -7.82 4.15
CA SER B 233 25.26 -7.03 4.82
C SER B 233 24.66 -5.99 5.76
N THR B 234 23.42 -5.57 5.50
CA THR B 234 22.84 -4.62 6.43
C THR B 234 22.40 -5.35 7.66
N LEU B 235 22.03 -6.59 7.47
CA LEU B 235 21.64 -7.40 8.59
C LEU B 235 22.89 -7.73 9.38
N LYS B 236 23.99 -7.94 8.68
CA LYS B 236 25.28 -8.17 9.28
C LYS B 236 25.67 -7.08 10.21
N ARG B 237 25.61 -5.85 9.74
CA ARG B 237 26.04 -4.75 10.57
C ARG B 237 25.07 -4.57 11.71
N GLN B 238 23.80 -4.82 11.45
CA GLN B 238 22.80 -4.75 12.47
C GLN B 238 23.18 -5.71 13.59
N LEU B 239 23.60 -6.91 13.21
CA LEU B 239 24.06 -7.93 14.13
C LEU B 239 25.34 -7.53 14.84
N GLU B 240 26.23 -6.84 14.15
CA GLU B 240 27.42 -6.31 14.78
C GLU B 240 27.08 -5.41 15.95
N HIS B 241 26.05 -4.63 15.75
CA HIS B 241 25.66 -3.65 16.73
C HIS B 241 24.43 -4.11 17.47
N ASN B 242 23.74 -3.21 18.14
CA ASN B 242 22.57 -3.61 18.93
C ASN B 242 21.23 -3.11 18.38
N ALA B 243 21.17 -2.82 17.10
CA ALA B 243 19.95 -2.30 16.51
C ALA B 243 18.94 -3.41 16.23
N TYR B 244 18.27 -3.92 17.25
CA TYR B 244 17.41 -5.08 17.03
C TYR B 244 15.93 -4.93 17.31
N HIS B 245 15.15 -5.79 16.66
CA HIS B 245 13.75 -5.97 16.94
C HIS B 245 13.30 -7.27 16.26
N PRO B 246 12.87 -8.27 17.04
CA PRO B 246 12.46 -9.60 16.64
C PRO B 246 11.50 -9.69 15.47
N ILE B 247 10.53 -8.80 15.39
CA ILE B 247 9.57 -8.93 14.31
C ILE B 247 10.20 -8.66 12.99
N GLU B 248 10.98 -7.60 12.94
CA GLU B 248 11.67 -7.26 11.73
C GLU B 248 12.53 -8.39 11.29
N TRP B 249 13.19 -9.04 12.23
CA TRP B 249 14.01 -10.16 11.85
C TRP B 249 13.20 -11.26 11.20
N ALA B 250 12.03 -11.53 11.76
CA ALA B 250 11.20 -12.59 11.25
C ALA B 250 10.76 -12.31 9.85
N ILE B 251 10.33 -11.10 9.60
CA ILE B 251 9.84 -10.79 8.29
C ILE B 251 10.97 -10.72 7.30
N ASN B 252 12.17 -10.43 7.78
CA ASN B 252 13.27 -10.39 6.87
C ASN B 252 13.50 -11.76 6.34
N ALA B 253 13.48 -12.73 7.25
CA ALA B 253 13.67 -14.10 6.85
C ALA B 253 12.59 -14.50 5.89
N ALA B 254 11.37 -14.04 6.14
CA ALA B 254 10.27 -14.38 5.28
C ALA B 254 10.55 -13.98 3.85
N THR B 255 11.12 -12.80 3.67
CA THR B 255 11.35 -12.37 2.32
C THR B 255 12.53 -13.05 1.69
N LEU B 256 13.56 -13.27 2.48
CA LEU B 256 14.75 -13.88 1.97
C LEU B 256 14.47 -15.26 1.48
N SER B 257 13.63 -15.97 2.21
CA SER B 257 13.24 -17.30 1.84
C SER B 257 12.78 -17.33 0.42
N GLN B 258 11.78 -16.51 0.15
CA GLN B 258 11.21 -16.51 -1.18
C GLN B 258 12.21 -16.16 -2.23
N PHE B 259 13.12 -15.25 -1.90
CA PHE B 259 14.15 -14.88 -2.84
C PHE B 259 14.95 -16.09 -3.26
N TYR B 260 15.44 -16.83 -2.28
CA TYR B 260 16.26 -17.97 -2.60
C TYR B 260 15.44 -19.06 -3.21
N ILE B 261 14.16 -19.13 -2.86
CA ILE B 261 13.28 -20.08 -3.50
C ILE B 261 13.20 -19.80 -4.97
N ASN B 262 13.03 -18.55 -5.32
CA ASN B 262 12.97 -18.17 -6.72
C ASN B 262 14.28 -18.45 -7.41
N LYS B 263 15.37 -18.33 -6.67
CA LYS B 263 16.70 -18.58 -7.21
C LYS B 263 17.11 -20.03 -7.08
N LEU B 264 16.24 -20.84 -6.49
CA LEU B 264 16.46 -22.26 -6.27
C LEU B 264 17.59 -22.59 -5.32
N CYS B 265 18.04 -21.63 -4.51
CA CYS B 265 19.09 -21.92 -3.58
C CYS B 265 18.51 -22.34 -2.25
N PHE B 266 17.87 -23.48 -2.28
CA PHE B 266 17.13 -23.97 -1.16
C PHE B 266 18.00 -24.28 -0.01
N MET B 267 19.16 -24.82 -0.32
CA MET B 267 20.11 -25.25 0.67
C MET B 267 20.70 -24.13 1.47
N GLU B 268 20.60 -22.91 0.98
CA GLU B 268 21.05 -21.79 1.76
C GLU B 268 19.88 -21.30 2.53
N ALA B 269 18.73 -21.27 1.88
CA ALA B 269 17.52 -20.76 2.49
C ALA B 269 17.22 -21.48 3.79
N ARG B 270 17.58 -22.75 3.88
CA ARG B 270 17.35 -23.54 5.07
C ARG B 270 17.72 -22.83 6.37
N HIS B 271 18.81 -22.08 6.39
CA HIS B 271 19.19 -21.49 7.64
C HIS B 271 18.38 -20.24 7.98
N CYS B 272 17.70 -19.66 7.01
CA CYS B 272 17.13 -18.34 7.22
C CYS B 272 16.01 -18.23 8.23
N LEU B 273 14.97 -19.00 8.05
CA LEU B 273 13.87 -18.89 8.99
C LEU B 273 14.27 -19.56 10.24
N SER B 274 15.04 -20.60 10.09
CA SER B 274 15.54 -21.28 11.23
C SER B 274 16.47 -20.35 12.04
N ALA B 275 17.12 -19.40 11.38
CA ALA B 275 17.89 -18.41 12.11
C ALA B 275 16.93 -17.57 12.91
N ALA B 276 15.80 -17.24 12.29
CA ALA B 276 14.80 -16.51 13.02
C ALA B 276 14.33 -17.34 14.19
N ASN B 277 14.26 -18.67 14.03
CA ASN B 277 13.83 -19.49 15.14
C ASN B 277 14.73 -19.23 16.34
N VAL B 278 16.02 -18.99 16.10
CA VAL B 278 16.91 -18.63 17.20
C VAL B 278 16.47 -17.29 17.79
N ILE B 279 16.13 -16.35 16.92
CA ILE B 279 15.70 -15.03 17.31
C ILE B 279 14.52 -15.06 18.25
N PHE B 280 13.66 -16.06 18.09
CA PHE B 280 12.45 -16.21 18.88
C PHE B 280 12.62 -16.10 20.39
N GLY B 281 13.84 -16.21 20.91
CA GLY B 281 14.08 -16.06 22.34
C GLY B 281 13.36 -14.83 22.89
N GLN B 282 13.30 -13.76 22.10
CA GLN B 282 12.53 -12.60 22.47
C GLN B 282 11.77 -12.08 21.27
N GLU B 301 -1.60 -8.59 20.03
CA GLU B 301 -1.24 -8.24 18.67
C GLU B 301 -0.20 -9.20 18.15
N LEU B 302 0.74 -8.71 17.35
CA LEU B 302 1.83 -9.50 16.80
C LEU B 302 2.63 -10.17 17.87
N TYR B 303 2.54 -9.68 19.12
CA TYR B 303 3.16 -10.31 20.26
C TYR B 303 2.92 -11.80 20.22
N HIS B 304 1.74 -12.16 19.77
CA HIS B 304 1.39 -13.54 19.68
C HIS B 304 1.08 -13.89 18.23
N GLN B 305 0.50 -12.95 17.50
CA GLN B 305 0.06 -13.21 16.14
C GLN B 305 1.18 -13.54 15.18
N ARG B 306 2.35 -12.93 15.36
CA ARG B 306 3.50 -13.10 14.47
C ARG B 306 3.87 -14.54 14.17
N LYS B 307 3.52 -15.43 15.08
CA LYS B 307 3.91 -16.79 15.00
C LYS B 307 3.33 -17.50 13.78
N GLY B 308 2.14 -17.12 13.37
CA GLY B 308 1.51 -17.80 12.25
C GLY B 308 2.15 -17.47 10.94
N GLU B 309 2.60 -16.23 10.80
CA GLU B 309 3.25 -15.80 9.59
C GLU B 309 4.47 -16.63 9.38
N ILE B 310 5.15 -16.85 10.48
CA ILE B 310 6.32 -17.66 10.51
C ILE B 310 5.99 -19.07 10.08
N ALA B 311 4.93 -19.61 10.67
CA ALA B 311 4.53 -20.96 10.31
C ALA B 311 4.18 -21.05 8.85
N ARG B 312 3.54 -20.02 8.31
CA ARG B 312 3.20 -20.02 6.90
C ARG B 312 4.45 -20.22 6.11
N CYS B 313 5.48 -19.50 6.50
CA CYS B 313 6.72 -19.60 5.81
C CYS B 313 7.31 -20.99 5.95
N TRP B 314 7.17 -21.59 7.12
CA TRP B 314 7.67 -22.94 7.29
C TRP B 314 6.96 -23.90 6.36
N ILE B 315 5.68 -23.66 6.13
CA ILE B 315 4.93 -24.45 5.16
C ILE B 315 5.52 -24.30 3.80
N LYS B 316 5.79 -23.07 3.44
CA LYS B 316 6.33 -22.78 2.15
C LYS B 316 7.64 -23.51 1.93
N TYR B 317 8.48 -23.57 2.96
CA TYR B 317 9.70 -24.34 2.83
C TYR B 317 9.37 -25.71 2.35
N CYS B 318 8.50 -26.36 3.08
CA CYS B 318 8.16 -27.70 2.77
C CYS B 318 7.49 -27.83 1.42
N LEU B 319 6.70 -26.84 1.04
CA LEU B 319 6.08 -26.89 -0.26
C LEU B 319 7.10 -26.94 -1.35
N THR B 320 8.12 -26.12 -1.22
CA THR B 320 9.13 -26.09 -2.25
C THR B 320 9.96 -27.32 -2.23
N LEU B 321 10.11 -27.90 -1.07
CA LEU B 321 10.86 -29.11 -0.99
C LEU B 321 10.12 -30.21 -1.71
N MET B 322 8.81 -30.20 -1.62
CA MET B 322 8.05 -31.16 -2.36
C MET B 322 8.11 -30.85 -3.83
N GLN B 323 8.15 -29.58 -4.16
CA GLN B 323 8.30 -29.20 -5.54
C GLN B 323 9.65 -29.65 -6.07
N ASN B 324 10.63 -29.68 -5.21
CA ASN B 324 11.92 -30.21 -5.61
C ASN B 324 11.77 -31.69 -5.87
N ALA B 325 10.97 -32.36 -5.06
CA ALA B 325 10.69 -33.77 -5.29
C ALA B 325 10.03 -33.93 -6.65
N GLN B 326 9.20 -32.95 -7.03
CA GLN B 326 8.52 -32.94 -8.31
C GLN B 326 9.44 -32.79 -9.51
N LEU B 327 10.74 -32.70 -9.30
CA LEU B 327 11.63 -32.74 -10.42
C LEU B 327 11.47 -34.10 -11.10
N SER B 328 11.20 -35.13 -10.31
CA SER B 328 10.90 -36.43 -10.86
C SER B 328 9.41 -36.65 -10.71
N MET B 329 8.69 -36.63 -11.82
CA MET B 329 7.24 -36.73 -11.75
C MET B 329 6.67 -38.14 -11.78
N GLN B 330 5.80 -38.42 -10.80
CA GLN B 330 5.15 -39.71 -10.61
C GLN B 330 4.27 -40.15 -11.76
N ASP B 331 3.63 -39.20 -12.44
CA ASP B 331 2.71 -39.57 -13.50
C ASP B 331 3.39 -40.00 -14.81
N ASN B 332 4.71 -40.01 -14.82
CA ASN B 332 5.43 -40.50 -15.98
C ASN B 332 6.23 -41.73 -15.60
N ILE B 333 6.06 -42.21 -14.36
CA ILE B 333 6.80 -43.37 -13.88
C ILE B 333 5.91 -44.33 -13.12
N GLY B 334 6.43 -45.49 -12.85
CA GLY B 334 5.74 -46.49 -12.06
C GLY B 334 6.34 -46.45 -10.66
N GLU B 335 6.59 -47.64 -10.12
CA GLU B 335 7.21 -47.75 -8.79
C GLU B 335 8.71 -47.44 -8.83
N LEU B 336 9.30 -47.41 -10.01
CA LEU B 336 10.71 -47.15 -10.12
C LEU B 336 11.02 -45.67 -10.16
N ASP B 337 12.09 -45.31 -9.48
CA ASP B 337 12.57 -43.95 -9.41
C ASP B 337 14.00 -44.01 -8.97
N LEU B 338 14.62 -42.86 -8.80
CA LEU B 338 16.00 -42.80 -8.33
C LEU B 338 16.89 -43.56 -9.26
N ASP B 339 16.59 -43.45 -10.55
CA ASP B 339 17.37 -44.07 -11.58
C ASP B 339 18.66 -43.29 -11.65
N LYS B 340 18.55 -42.02 -11.30
CA LYS B 340 19.65 -41.10 -11.20
C LYS B 340 20.68 -41.54 -10.20
N GLN B 341 21.80 -40.84 -10.17
CA GLN B 341 22.87 -41.16 -9.27
C GLN B 341 22.44 -40.96 -7.86
N SER B 342 23.21 -41.49 -6.95
CA SER B 342 22.96 -41.30 -5.54
C SER B 342 23.48 -39.93 -5.18
N GLU B 343 24.70 -39.88 -4.66
CA GLU B 343 25.30 -38.63 -4.25
C GLU B 343 24.44 -37.83 -3.31
N LEU B 344 23.75 -38.51 -2.40
CA LEU B 344 22.96 -37.81 -1.41
C LEU B 344 23.84 -37.48 -0.21
N ARG B 345 25.02 -38.10 -0.19
CA ARG B 345 26.01 -37.86 0.85
C ARG B 345 27.36 -37.66 0.17
N ALA B 346 27.33 -37.17 -1.07
CA ALA B 346 28.56 -37.03 -1.83
C ALA B 346 29.53 -36.12 -1.14
N LEU B 347 30.78 -36.58 -1.09
CA LEU B 347 31.88 -35.81 -0.56
C LEU B 347 32.17 -34.70 -1.53
N ARG B 348 31.82 -34.93 -2.79
CA ARG B 348 31.89 -33.94 -3.83
C ARG B 348 31.08 -32.75 -3.43
N LYS B 349 29.82 -33.00 -3.11
CA LYS B 349 28.92 -31.96 -2.68
C LYS B 349 29.41 -31.33 -1.41
N LYS B 350 29.92 -32.14 -0.49
CA LYS B 350 30.47 -31.65 0.76
C LYS B 350 31.58 -30.65 0.56
N GLU B 351 32.57 -31.02 -0.25
CA GLU B 351 33.71 -30.17 -0.49
C GLU B 351 33.38 -28.94 -1.30
N LEU B 352 32.55 -29.11 -2.31
CA LEU B 352 32.16 -27.97 -3.11
C LEU B 352 31.36 -27.02 -2.28
N ASP B 353 30.53 -27.58 -1.39
CA ASP B 353 29.80 -26.76 -0.47
C ASP B 353 30.77 -26.11 0.46
N GLU B 354 31.83 -26.82 0.86
CA GLU B 354 32.77 -26.17 1.73
C GLU B 354 33.36 -24.95 1.04
N GLU B 355 33.62 -25.08 -0.25
CA GLU B 355 34.14 -23.96 -1.02
C GLU B 355 33.11 -22.85 -1.17
N GLU B 356 31.88 -23.24 -1.45
CA GLU B 356 30.79 -22.29 -1.59
C GLU B 356 30.37 -21.68 -0.30
N SER B 357 30.44 -22.48 0.74
CA SER B 357 30.03 -22.08 2.06
C SER B 357 31.00 -21.15 2.68
N ILE B 358 32.16 -20.96 2.05
CA ILE B 358 33.05 -19.92 2.48
C ILE B 358 32.23 -18.63 2.45
N ARG B 359 31.41 -18.49 1.41
CA ARG B 359 30.50 -17.39 1.31
C ARG B 359 29.26 -17.60 2.16
N LYS B 360 28.56 -18.72 1.91
CA LYS B 360 27.29 -19.02 2.58
C LYS B 360 27.33 -18.83 4.07
N LYS B 361 28.35 -19.41 4.72
CA LYS B 361 28.51 -19.40 6.18
C LYS B 361 28.58 -18.02 6.80
N ALA B 362 28.84 -16.99 6.00
CA ALA B 362 28.87 -15.64 6.53
C ALA B 362 27.59 -15.34 7.27
N VAL B 363 26.46 -15.90 6.82
CA VAL B 363 25.17 -15.65 7.46
C VAL B 363 25.18 -16.02 8.92
N GLN B 364 26.08 -16.92 9.29
CA GLN B 364 26.24 -17.33 10.64
C GLN B 364 27.10 -16.29 11.31
N PHE B 365 26.44 -15.23 11.74
CA PHE B 365 27.11 -14.14 12.42
C PHE B 365 26.95 -14.28 13.92
N GLY B 366 26.83 -15.53 14.38
CA GLY B 366 26.59 -15.82 15.77
C GLY B 366 27.85 -15.95 16.61
N THR B 367 29.00 -15.58 16.04
CA THR B 367 30.30 -15.58 16.72
C THR B 367 30.48 -16.74 17.69
N GLY B 368 30.10 -17.93 17.27
CA GLY B 368 30.20 -19.09 18.13
C GLY B 368 28.96 -19.26 18.99
N GLU B 369 28.68 -18.30 19.87
CA GLU B 369 27.56 -18.42 20.81
C GLU B 369 26.24 -18.71 20.12
N LEU B 370 25.87 -17.85 19.19
CA LEU B 370 24.61 -18.06 18.53
C LEU B 370 24.83 -19.00 17.41
N CYS B 371 26.07 -19.16 16.99
CA CYS B 371 26.34 -20.18 16.00
C CYS B 371 26.05 -21.54 16.62
N ASP B 372 26.24 -21.67 17.92
CA ASP B 372 25.91 -22.89 18.61
C ASP B 372 24.42 -23.04 18.70
N ALA B 373 23.73 -21.93 18.94
CA ALA B 373 22.28 -21.99 18.94
C ALA B 373 21.83 -22.46 17.57
N ILE B 374 22.47 -21.92 16.56
CA ILE B 374 22.24 -22.30 15.21
C ILE B 374 22.61 -23.73 15.02
N SER B 375 23.70 -24.16 15.62
CA SER B 375 24.14 -25.54 15.49
C SER B 375 23.08 -26.48 16.00
N ALA B 376 22.41 -26.12 17.08
CA ALA B 376 21.32 -26.95 17.56
C ALA B 376 20.24 -26.99 16.49
N VAL B 377 19.97 -25.81 15.95
CA VAL B 377 19.02 -25.63 14.89
C VAL B 377 19.43 -26.35 13.61
N GLU B 378 20.73 -26.51 13.39
CA GLU B 378 21.23 -27.16 12.21
C GLU B 378 20.69 -28.55 12.05
N GLU B 379 20.25 -29.18 13.13
CA GLU B 379 19.61 -30.47 13.01
C GLU B 379 18.55 -30.46 11.91
N LYS B 380 17.81 -29.37 11.81
CA LYS B 380 16.82 -29.28 10.78
C LYS B 380 17.36 -28.67 9.53
N VAL B 381 18.34 -27.77 9.68
CA VAL B 381 18.97 -27.16 8.50
C VAL B 381 19.62 -28.22 7.62
N SER B 382 20.01 -29.33 8.24
CA SER B 382 20.66 -30.43 7.55
C SER B 382 19.79 -31.08 6.46
N TYR B 383 18.49 -30.90 6.51
CA TYR B 383 17.61 -31.55 5.55
C TYR B 383 17.95 -31.08 4.14
N LEU B 384 18.18 -31.99 3.20
CA LEU B 384 18.53 -31.54 1.87
C LEU B 384 17.78 -32.26 0.76
N ARG B 385 18.10 -33.53 0.55
CA ARG B 385 17.44 -34.36 -0.45
C ARG B 385 17.02 -35.72 0.05
N PRO B 386 16.08 -35.77 0.98
CA PRO B 386 15.53 -36.95 1.66
C PRO B 386 14.62 -37.79 0.78
N LEU B 387 14.48 -39.07 1.15
CA LEU B 387 13.61 -39.98 0.43
C LEU B 387 12.44 -40.50 1.30
N ASP B 388 12.62 -41.61 2.01
CA ASP B 388 11.54 -42.20 2.81
C ASP B 388 11.40 -41.60 4.17
N PHE B 389 11.11 -40.31 4.20
CA PHE B 389 10.98 -39.58 5.42
C PHE B 389 9.73 -38.80 5.45
N GLU B 390 8.73 -39.28 4.71
CA GLU B 390 7.46 -38.60 4.63
C GLU B 390 6.86 -38.43 6.00
N GLU B 391 7.14 -39.37 6.88
CA GLU B 391 6.66 -39.31 8.24
C GLU B 391 7.29 -38.12 8.93
N ALA B 392 8.60 -37.97 8.73
CA ALA B 392 9.33 -36.86 9.31
C ALA B 392 8.83 -35.57 8.72
N ARG B 393 8.58 -35.57 7.42
CA ARG B 393 8.10 -34.40 6.73
C ARG B 393 6.82 -33.89 7.35
N GLU B 394 5.89 -34.81 7.62
CA GLU B 394 4.65 -34.44 8.27
C GLU B 394 4.88 -33.96 9.68
N LEU B 395 5.85 -34.54 10.38
CA LEU B 395 6.15 -34.09 11.71
C LEU B 395 6.67 -32.67 11.71
N PHE B 396 7.38 -32.29 10.65
CA PHE B 396 7.88 -30.93 10.58
C PHE B 396 6.69 -30.00 10.56
N LEU B 397 5.68 -30.40 9.77
CA LEU B 397 4.45 -29.64 9.75
C LEU B 397 3.82 -29.59 11.09
N LEU B 398 3.65 -30.75 11.69
CA LEU B 398 3.01 -30.87 12.98
C LEU B 398 3.52 -29.87 13.97
N GLY B 399 4.83 -29.79 14.10
CA GLY B 399 5.45 -28.86 15.03
C GLY B 399 4.98 -27.43 14.76
N GLN B 400 4.94 -27.07 13.49
CA GLN B 400 4.48 -25.73 13.14
C GLN B 400 2.98 -25.66 12.93
N HIS B 401 2.33 -26.82 12.93
CA HIS B 401 0.91 -26.93 12.78
C HIS B 401 0.32 -26.42 14.05
N TYR B 402 0.99 -26.72 15.14
CA TYR B 402 0.58 -26.23 16.44
C TYR B 402 0.55 -24.71 16.43
N VAL B 403 1.53 -24.13 15.75
CA VAL B 403 1.61 -22.70 15.62
C VAL B 403 0.48 -22.22 14.75
N PHE B 404 0.24 -22.95 13.66
CA PHE B 404 -0.89 -22.72 12.78
C PHE B 404 -2.19 -22.67 13.54
N GLU B 405 -2.38 -23.64 14.42
CA GLU B 405 -3.57 -23.70 15.23
C GLU B 405 -3.69 -22.41 16.03
N ALA B 406 -2.58 -21.96 16.61
CA ALA B 406 -2.60 -20.71 17.33
C ALA B 406 -2.98 -19.56 16.40
N LYS B 407 -2.46 -19.57 15.19
CA LYS B 407 -2.80 -18.51 14.26
C LYS B 407 -4.27 -18.54 13.93
N GLU B 408 -4.89 -19.71 13.91
CA GLU B 408 -6.32 -19.77 13.69
C GLU B 408 -7.00 -18.96 14.76
N PHE B 409 -6.48 -19.03 15.98
CA PHE B 409 -7.01 -18.25 17.09
C PHE B 409 -6.86 -16.77 16.76
N PHE B 410 -5.76 -16.46 16.09
CA PHE B 410 -5.41 -15.11 15.73
C PHE B 410 -5.95 -14.60 14.41
N GLN B 411 -6.90 -15.31 13.81
CA GLN B 411 -7.53 -14.84 12.58
C GLN B 411 -9.05 -14.72 12.75
N ILE B 412 -9.66 -13.74 12.08
CA ILE B 412 -11.09 -13.51 12.26
C ILE B 412 -11.97 -14.27 11.30
N ASP B 413 -12.00 -15.59 11.47
CA ASP B 413 -12.85 -16.49 10.70
C ASP B 413 -12.93 -16.21 9.18
N GLY B 414 -11.87 -15.67 8.60
CA GLY B 414 -11.81 -15.33 7.17
C GLY B 414 -10.56 -15.98 6.64
N TYR B 415 -9.44 -15.36 6.97
CA TYR B 415 -8.14 -15.91 6.64
C TYR B 415 -7.93 -17.26 7.31
N VAL B 416 -8.71 -17.53 8.37
CA VAL B 416 -8.71 -18.82 9.03
C VAL B 416 -8.92 -19.90 8.00
N THR B 417 -9.91 -19.70 7.15
CA THR B 417 -10.27 -20.72 6.21
C THR B 417 -9.29 -20.73 5.06
N ASP B 418 -8.71 -19.57 4.78
CA ASP B 418 -7.75 -19.46 3.70
C ASP B 418 -6.49 -20.26 4.01
N HIS B 419 -6.06 -20.20 5.25
CA HIS B 419 -4.88 -20.93 5.65
C HIS B 419 -5.17 -22.39 5.85
N ILE B 420 -6.40 -22.71 6.29
CA ILE B 420 -6.76 -24.11 6.39
C ILE B 420 -6.63 -24.74 5.03
N GLU B 421 -7.12 -24.04 3.99
CA GLU B 421 -6.98 -24.52 2.61
C GLU B 421 -5.56 -24.89 2.31
N VAL B 422 -4.66 -23.99 2.65
CA VAL B 422 -3.26 -24.22 2.41
C VAL B 422 -2.77 -25.48 3.08
N VAL B 423 -3.07 -25.60 4.36
CA VAL B 423 -2.62 -26.74 5.12
C VAL B 423 -3.21 -28.03 4.61
N GLN B 424 -4.47 -27.99 4.24
CA GLN B 424 -5.11 -29.18 3.73
C GLN B 424 -4.42 -29.71 2.51
N ASP B 425 -4.17 -28.84 1.56
CA ASP B 425 -3.53 -29.27 0.35
C ASP B 425 -2.16 -29.76 0.66
N HIS B 426 -1.47 -29.04 1.51
CA HIS B 426 -0.13 -29.34 1.93
C HIS B 426 -0.07 -30.72 2.55
N SER B 427 -1.02 -30.98 3.42
CA SER B 427 -1.14 -32.23 4.10
C SER B 427 -1.38 -33.35 3.10
N ALA B 428 -2.24 -33.09 2.12
CA ALA B 428 -2.52 -34.04 1.08
C ALA B 428 -1.28 -34.33 0.28
N LEU B 429 -0.49 -33.32 0.02
CA LEU B 429 0.72 -33.47 -0.74
C LEU B 429 1.73 -34.34 -0.03
N PHE B 430 1.77 -34.30 1.28
CA PHE B 430 2.65 -35.21 1.99
C PHE B 430 2.25 -36.64 1.73
N LYS B 431 0.96 -36.87 1.65
CA LYS B 431 0.50 -38.19 1.35
C LYS B 431 0.72 -38.52 -0.10
N VAL B 432 0.72 -37.51 -0.96
CA VAL B 432 1.06 -37.76 -2.33
C VAL B 432 2.46 -38.30 -2.38
N LEU B 433 3.36 -37.69 -1.61
CA LEU B 433 4.74 -38.16 -1.58
C LEU B 433 4.77 -39.61 -1.17
N ALA B 434 3.95 -39.94 -0.19
CA ALA B 434 3.86 -41.29 0.32
C ALA B 434 3.04 -42.15 -0.61
N PHE B 435 3.61 -42.51 -1.75
CA PHE B 435 2.92 -43.30 -2.76
C PHE B 435 2.72 -44.76 -2.36
N PHE B 436 1.82 -44.99 -1.41
CA PHE B 436 1.51 -46.32 -0.94
C PHE B 436 0.02 -46.57 -1.03
N GLU B 437 -0.38 -47.81 -1.25
CA GLU B 437 -1.79 -48.13 -1.49
C GLU B 437 -2.73 -47.97 -0.32
N THR B 438 -2.33 -48.39 0.85
CA THR B 438 -3.24 -48.41 1.97
C THR B 438 -3.27 -47.14 2.78
N ASP B 439 -3.69 -46.05 2.17
CA ASP B 439 -3.79 -44.79 2.93
C ASP B 439 -4.50 -43.68 2.20
N MET B 440 -5.78 -43.52 2.52
CA MET B 440 -6.56 -42.42 1.98
C MET B 440 -7.19 -41.66 3.14
N GLU B 441 -6.63 -41.87 4.33
CA GLU B 441 -7.23 -41.30 5.51
C GLU B 441 -7.07 -39.81 5.56
N ARG B 442 -5.91 -39.33 5.15
CA ARG B 442 -5.69 -37.89 5.10
C ARG B 442 -6.71 -37.23 4.22
N ARG B 443 -6.99 -37.88 3.10
CA ARG B 443 -7.94 -37.37 2.15
C ARG B 443 -9.23 -37.14 2.88
N CYS B 444 -9.64 -38.16 3.64
CA CYS B 444 -10.85 -38.08 4.41
C CYS B 444 -10.76 -37.00 5.47
N LYS B 445 -9.62 -36.90 6.14
CA LYS B 445 -9.43 -35.92 7.20
C LYS B 445 -9.59 -34.52 6.69
N MET B 446 -8.96 -34.25 5.57
CA MET B 446 -9.01 -32.92 5.04
C MET B 446 -10.38 -32.69 4.45
N HIS B 447 -11.01 -33.75 3.95
CA HIS B 447 -12.33 -33.63 3.37
C HIS B 447 -13.31 -33.15 4.42
N LYS B 448 -13.17 -33.68 5.63
CA LYS B 448 -14.01 -33.25 6.72
C LYS B 448 -13.86 -31.75 6.91
N ARG B 449 -12.61 -31.28 6.86
CA ARG B 449 -12.36 -29.86 6.96
C ARG B 449 -13.03 -29.11 5.81
N ARG B 450 -12.98 -29.68 4.60
CA ARG B 450 -13.57 -29.04 3.42
C ARG B 450 -15.03 -28.72 3.64
N ILE B 451 -15.74 -29.67 4.22
CA ILE B 451 -17.16 -29.53 4.49
C ILE B 451 -17.40 -28.41 5.46
N ALA B 452 -16.63 -28.41 6.54
CA ALA B 452 -16.75 -27.38 7.55
C ALA B 452 -16.44 -26.02 6.96
N MET B 453 -15.49 -25.97 6.05
CA MET B 453 -15.11 -24.72 5.40
C MET B 453 -16.12 -24.28 4.36
N LEU B 454 -16.94 -25.20 3.86
CA LEU B 454 -17.99 -24.81 2.92
C LEU B 454 -19.08 -23.97 3.61
N GLU B 455 -19.56 -24.45 4.76
CA GLU B 455 -20.59 -23.73 5.52
C GLU B 455 -20.50 -22.18 5.64
N PRO B 456 -19.31 -21.57 5.95
CA PRO B 456 -18.99 -20.13 6.01
C PRO B 456 -19.56 -19.23 4.89
N LEU B 457 -20.09 -19.81 3.82
CA LEU B 457 -20.79 -19.03 2.81
C LEU B 457 -21.92 -18.23 3.43
N THR B 458 -22.47 -18.73 4.54
CA THR B 458 -23.48 -18.03 5.30
C THR B 458 -22.99 -16.64 5.73
N VAL B 459 -21.73 -16.56 6.16
CA VAL B 459 -21.15 -15.30 6.57
C VAL B 459 -20.82 -14.45 5.37
N ASP B 460 -20.41 -15.10 4.27
CA ASP B 460 -20.10 -14.35 3.05
C ASP B 460 -21.06 -14.63 1.90
N LEU B 461 -22.14 -13.87 1.82
CA LEU B 461 -23.12 -14.01 0.76
C LEU B 461 -22.87 -13.05 -0.38
N ASN B 462 -21.70 -12.43 -0.39
CA ASN B 462 -21.37 -11.62 -1.53
C ASN B 462 -21.22 -12.60 -2.62
N PRO B 463 -21.44 -12.22 -3.86
CA PRO B 463 -21.36 -13.05 -5.04
C PRO B 463 -19.91 -13.29 -5.41
N GLN B 464 -19.20 -13.96 -4.49
CA GLN B 464 -17.80 -14.31 -4.62
C GLN B 464 -17.74 -15.62 -5.37
N TYR B 465 -18.20 -15.57 -6.61
CA TYR B 465 -18.38 -16.74 -7.45
C TYR B 465 -17.14 -17.56 -7.55
N TYR B 466 -16.04 -16.94 -7.94
CA TYR B 466 -14.83 -17.71 -8.09
C TYR B 466 -14.16 -18.06 -6.78
N LEU B 467 -14.46 -17.30 -5.72
CA LEU B 467 -13.95 -17.69 -4.42
C LEU B 467 -14.55 -19.04 -4.10
N LEU B 468 -15.86 -19.13 -4.29
CA LEU B 468 -16.56 -20.38 -4.13
C LEU B 468 -16.10 -21.40 -5.11
N VAL B 469 -15.95 -21.05 -6.38
CA VAL B 469 -15.48 -22.00 -7.37
C VAL B 469 -14.18 -22.60 -6.94
N ASN B 470 -13.27 -21.80 -6.41
CA ASN B 470 -12.02 -22.34 -5.89
C ASN B 470 -12.30 -23.40 -4.85
N ARG B 471 -13.23 -23.12 -3.96
CA ARG B 471 -13.60 -24.08 -2.95
C ARG B 471 -14.21 -25.31 -3.61
N GLN B 472 -15.01 -25.10 -4.65
CA GLN B 472 -15.62 -26.19 -5.39
C GLN B 472 -14.54 -27.01 -6.07
N ILE B 473 -13.51 -26.34 -6.58
CA ILE B 473 -12.37 -26.99 -7.18
C ILE B 473 -11.70 -27.84 -6.16
N GLN B 474 -11.59 -27.35 -4.94
CA GLN B 474 -11.02 -28.16 -3.91
C GLN B 474 -11.85 -29.44 -3.74
N PHE B 475 -13.17 -29.34 -3.87
CA PHE B 475 -13.98 -30.55 -3.84
C PHE B 475 -13.76 -31.37 -5.10
N GLU B 476 -13.56 -30.71 -6.24
CA GLU B 476 -13.23 -31.39 -7.48
C GLU B 476 -12.05 -32.28 -7.26
N ILE B 477 -11.05 -31.70 -6.64
CA ILE B 477 -9.82 -32.37 -6.30
C ILE B 477 -10.08 -33.49 -5.34
N ALA B 478 -10.91 -33.24 -4.33
CA ALA B 478 -11.26 -34.25 -3.35
C ALA B 478 -11.87 -35.47 -4.00
N HIS B 479 -12.74 -35.22 -4.94
CA HIS B 479 -13.40 -36.30 -5.59
C HIS B 479 -12.55 -36.82 -6.73
N ALA B 480 -11.63 -36.00 -7.21
CA ALA B 480 -10.67 -36.47 -8.16
C ALA B 480 -9.78 -37.46 -7.43
N TYR B 481 -9.48 -37.16 -6.17
CA TYR B 481 -8.69 -38.05 -5.34
C TYR B 481 -9.48 -39.30 -5.01
N TYR B 482 -10.80 -39.15 -4.86
CA TYR B 482 -11.64 -40.32 -4.70
C TYR B 482 -11.49 -41.19 -5.93
N ASP B 483 -11.60 -40.56 -7.09
CA ASP B 483 -11.46 -41.23 -8.38
C ASP B 483 -10.10 -41.87 -8.49
N MET B 484 -9.08 -41.16 -8.01
CA MET B 484 -7.72 -41.65 -7.96
C MET B 484 -7.66 -42.94 -7.19
N MET B 485 -8.27 -42.94 -6.02
CA MET B 485 -8.35 -44.12 -5.18
C MET B 485 -9.04 -45.26 -5.91
N ASP B 486 -10.19 -44.97 -6.50
CA ASP B 486 -10.92 -45.98 -7.24
C ASP B 486 -10.76 -45.81 -8.74
#